data_6HIT
#
_entry.id   6HIT
#
_cell.length_a   62.691
_cell.length_b   103.257
_cell.length_c   199.352
_cell.angle_alpha   90.000
_cell.angle_beta   90.000
_cell.angle_gamma   90.000
#
_symmetry.space_group_name_H-M   'P 21 21 21'
#
loop_
_entity.id
_entity.type
_entity.pdbx_description
1 polymer 'Hemoglobin alpha 2 chain'
2 polymer 'Hemoglobin beta 4 chain'
3 non-polymer 'PROTOPORPHYRIN IX CONTAINING FE'
#
loop_
_entity_poly.entity_id
_entity_poly.type
_entity_poly.pdbx_seq_one_letter_code
_entity_poly.pdbx_strand_id
1 'polypeptide(L)'
;(ACE)SLSSKQKATVKDFFSKMSTRSDDIGAEALSRLVAVYPQTKSYFSHWKDASPGSAPVRKHGITIMGGVYDAVGKID
DLKGGLLSLSELHAFMLRVDPVNFKLLAHCMLVCMSMIFPEEFTPQVHVAVDKFLAQLALALAEKYR
;
A,C,E,G
2 'polypeptide(L)'
;VEWTDSERAIITSIFSNLDYEEIGRKSLCRCLIVYPWTQRYFGAFGNLYNAETILANPLIAAHGTKILHGLDRALKNMDD
IKNTYAELSLLHSDKLHVDPDNFRLLADCLTVVIAAKMGSAFTVDTQVAWQKFLSVVVSALGRQY
;
B,D,F,H
#
# COMPACT_ATOMS: atom_id res chain seq x y z
N SER A 2 -23.36 -5.63 -1.40
CA SER A 2 -24.28 -5.31 -0.25
C SER A 2 -23.95 -3.98 0.35
N LEU A 3 -25.01 -3.42 0.94
CA LEU A 3 -25.07 -2.02 1.32
C LEU A 3 -24.96 -1.96 2.82
N SER A 4 -24.08 -1.07 3.24
CA SER A 4 -23.80 -0.80 4.61
C SER A 4 -24.72 0.33 5.03
N SER A 5 -24.80 0.60 6.32
CA SER A 5 -25.60 1.69 6.84
C SER A 5 -25.23 3.04 6.26
N LYS A 6 -23.92 3.32 6.21
CA LYS A 6 -23.42 4.60 5.75
C LYS A 6 -23.71 4.80 4.26
N GLN A 7 -23.77 3.69 3.54
CA GLN A 7 -24.19 3.67 2.16
C GLN A 7 -25.67 4.02 2.01
N LYS A 8 -26.51 3.35 2.78
CA LYS A 8 -27.96 3.54 2.70
C LYS A 8 -28.29 5.00 2.99
N ALA A 9 -27.63 5.50 4.03
CA ALA A 9 -27.77 6.88 4.47
C ALA A 9 -27.35 7.87 3.40
N THR A 10 -26.19 7.65 2.82
CA THR A 10 -25.74 8.49 1.70
C THR A 10 -26.77 8.49 0.57
N VAL A 11 -27.35 7.31 0.26
CA VAL A 11 -28.35 7.22 -0.83
C VAL A 11 -29.66 7.92 -0.49
N LYS A 12 -30.22 7.61 0.67
CA LYS A 12 -31.46 8.25 1.14
C LYS A 12 -31.38 9.77 1.07
N ASP A 13 -30.28 10.36 1.56
CA ASP A 13 -30.16 11.82 1.64
C ASP A 13 -29.73 12.47 0.31
N PHE A 14 -29.19 11.66 -0.59
CA PHE A 14 -28.96 12.11 -1.94
C PHE A 14 -30.22 12.06 -2.79
N PHE A 15 -31.14 11.14 -2.49
CA PHE A 15 -32.39 11.00 -3.25
C PHE A 15 -33.33 12.18 -2.96
N SER A 16 -33.19 12.73 -1.74
CA SER A 16 -33.94 13.91 -1.29
C SER A 16 -33.80 15.13 -2.22
N LYS A 17 -32.56 15.43 -2.60
CA LYS A 17 -32.29 16.44 -3.62
C LYS A 17 -33.14 16.21 -4.88
N MET A 18 -33.17 14.96 -5.36
CA MET A 18 -33.80 14.59 -6.66
C MET A 18 -35.33 14.37 -6.67
N SER A 19 -36.04 14.87 -5.68
CA SER A 19 -37.51 14.71 -5.62
C SER A 19 -38.16 15.55 -6.72
N THR A 20 -37.83 16.85 -6.72
CA THR A 20 -38.34 17.80 -7.71
C THR A 20 -37.94 17.36 -9.10
N ARG A 21 -36.64 17.12 -9.27
CA ARG A 21 -36.04 16.84 -10.58
C ARG A 21 -36.36 15.47 -11.23
N SER A 22 -37.08 14.60 -10.52
CA SER A 22 -37.40 13.24 -10.96
C SER A 22 -37.74 13.10 -12.43
N ASP A 23 -38.71 13.86 -12.89
CA ASP A 23 -39.06 13.84 -14.31
C ASP A 23 -37.82 14.09 -15.16
N ASP A 24 -37.16 15.23 -14.90
CA ASP A 24 -35.96 15.68 -15.64
C ASP A 24 -34.76 14.69 -15.69
N ILE A 25 -34.44 14.07 -14.54
CA ILE A 25 -33.24 13.20 -14.40
C ILE A 25 -33.36 11.90 -15.20
N GLY A 26 -34.44 11.17 -14.94
CA GLY A 26 -34.72 9.94 -15.63
C GLY A 26 -34.73 10.12 -17.15
N ALA A 27 -35.50 11.10 -17.61
CA ALA A 27 -35.60 11.40 -19.06
C ALA A 27 -34.26 11.67 -19.69
N GLU A 28 -33.46 12.47 -18.99
CA GLU A 28 -32.10 12.78 -19.44
C GLU A 28 -31.17 11.57 -19.45
N ALA A 29 -31.26 10.79 -18.39
CA ALA A 29 -30.40 9.61 -18.30
C ALA A 29 -30.83 8.68 -19.41
N LEU A 30 -32.14 8.51 -19.56
CA LEU A 30 -32.68 7.63 -20.55
C LEU A 30 -32.25 8.09 -21.96
N SER A 31 -32.48 9.36 -22.30
CA SER A 31 -32.00 9.98 -23.57
C SER A 31 -30.52 9.70 -23.84
N ARG A 32 -29.71 9.88 -22.82
CA ARG A 32 -28.27 9.62 -22.91
C ARG A 32 -27.92 8.11 -23.13
N LEU A 33 -28.51 7.17 -22.36
CA LEU A 33 -28.37 5.70 -22.62
C LEU A 33 -28.76 5.42 -24.07
N VAL A 34 -29.95 5.88 -24.53
CA VAL A 34 -30.40 5.52 -25.91
C VAL A 34 -29.42 6.12 -26.98
N ALA A 35 -28.79 7.28 -26.72
CA ALA A 35 -27.90 7.89 -27.71
C ALA A 35 -26.43 7.39 -27.68
N VAL A 36 -25.88 7.25 -26.48
CA VAL A 36 -24.48 6.88 -26.32
C VAL A 36 -24.32 5.38 -26.50
N TYR A 37 -25.30 4.61 -26.05
CA TYR A 37 -25.23 3.15 -26.09
C TYR A 37 -26.38 2.58 -26.93
N PRO A 38 -26.22 2.65 -28.27
CA PRO A 38 -27.34 2.30 -29.15
C PRO A 38 -27.76 0.82 -29.14
N GLN A 39 -26.97 -0.07 -28.56
CA GLN A 39 -27.48 -1.43 -28.30
C GLN A 39 -28.81 -1.46 -27.51
N THR A 40 -29.03 -0.43 -26.68
CA THR A 40 -30.25 -0.34 -25.87
C THR A 40 -31.52 -0.01 -26.63
N LYS A 41 -31.41 0.49 -27.86
CA LYS A 41 -32.58 0.97 -28.62
C LYS A 41 -33.55 -0.13 -28.98
N SER A 42 -33.05 -1.32 -29.27
CA SER A 42 -33.89 -2.50 -29.59
C SER A 42 -35.04 -2.66 -28.64
N TYR A 43 -34.80 -2.44 -27.35
CA TYR A 43 -35.87 -2.60 -26.33
C TYR A 43 -36.95 -1.51 -26.37
N PHE A 44 -36.73 -0.44 -27.13
CA PHE A 44 -37.67 0.64 -27.21
C PHE A 44 -38.09 0.93 -28.65
N SER A 45 -38.19 -0.12 -29.47
CA SER A 45 -38.39 0.08 -30.90
C SER A 45 -39.86 0.42 -31.25
N HIS A 46 -40.73 0.34 -30.23
CA HIS A 46 -42.15 0.67 -30.32
C HIS A 46 -42.42 2.16 -30.08
N TRP A 47 -41.39 2.90 -29.65
CA TRP A 47 -41.40 4.36 -29.61
C TRP A 47 -41.01 4.94 -30.97
N LYS A 48 -41.68 6.01 -31.38
CA LYS A 48 -41.40 6.66 -32.66
C LYS A 48 -40.21 7.63 -32.51
N ASP A 49 -39.96 8.12 -31.29
CA ASP A 49 -38.82 8.99 -30.98
C ASP A 49 -38.04 8.55 -29.72
N ALA A 50 -36.73 8.44 -29.87
CA ALA A 50 -35.77 8.27 -28.75
C ALA A 50 -34.99 9.57 -28.38
N SER A 51 -35.27 10.69 -29.02
CA SER A 51 -34.69 11.98 -28.61
C SER A 51 -35.05 12.32 -27.18
N PRO A 52 -34.31 13.28 -26.59
CA PRO A 52 -34.89 13.95 -25.44
C PRO A 52 -36.00 14.83 -25.99
N GLY A 53 -37.06 15.02 -25.21
CA GLY A 53 -38.20 15.79 -25.67
C GLY A 53 -39.32 14.90 -26.17
N SER A 54 -38.95 13.75 -26.76
CA SER A 54 -39.88 12.67 -27.06
C SER A 54 -40.90 12.46 -25.97
N ALA A 55 -42.16 12.39 -26.37
CA ALA A 55 -43.19 11.99 -25.42
C ALA A 55 -42.94 10.62 -24.64
N PRO A 56 -42.55 9.52 -25.33
CA PRO A 56 -42.29 8.35 -24.49
C PRO A 56 -41.05 8.40 -23.58
N VAL A 57 -39.97 9.05 -24.01
CA VAL A 57 -38.76 9.23 -23.18
C VAL A 57 -39.08 9.95 -21.85
N ARG A 58 -39.86 11.03 -21.95
CA ARG A 58 -40.26 11.78 -20.75
C ARG A 58 -41.23 10.96 -19.86
N LYS A 59 -42.22 10.26 -20.42
CA LYS A 59 -43.11 9.41 -19.58
C LYS A 59 -42.32 8.28 -18.92
N HIS A 60 -41.35 7.71 -19.62
CA HIS A 60 -40.63 6.55 -19.11
C HIS A 60 -39.50 6.93 -18.16
N GLY A 61 -38.86 8.07 -18.41
CA GLY A 61 -37.93 8.68 -17.46
C GLY A 61 -38.52 8.80 -16.08
N ILE A 62 -39.69 9.41 -15.96
CA ILE A 62 -40.36 9.56 -14.66
C ILE A 62 -40.60 8.17 -14.05
N THR A 63 -41.09 7.24 -14.86
CA THR A 63 -41.38 5.87 -14.41
C THR A 63 -40.14 5.12 -13.83
N ILE A 64 -39.01 5.27 -14.53
CA ILE A 64 -37.72 4.77 -14.09
C ILE A 64 -37.34 5.29 -12.69
N MET A 65 -37.54 6.58 -12.43
CA MET A 65 -37.26 7.18 -11.12
C MET A 65 -38.29 6.80 -10.03
N GLY A 66 -39.55 6.59 -10.41
CA GLY A 66 -40.52 5.89 -9.55
C GLY A 66 -39.87 4.62 -8.99
N GLY A 67 -39.39 3.77 -9.89
CA GLY A 67 -38.80 2.49 -9.56
C GLY A 67 -37.55 2.64 -8.74
N VAL A 68 -36.76 3.65 -9.05
CA VAL A 68 -35.61 4.00 -8.26
C VAL A 68 -36.04 4.47 -6.84
N TYR A 69 -37.10 5.30 -6.67
CA TYR A 69 -37.56 5.67 -5.28
C TYR A 69 -37.95 4.45 -4.51
N ASP A 70 -38.81 3.65 -5.12
CA ASP A 70 -39.24 2.38 -4.57
C ASP A 70 -38.04 1.60 -3.99
N ALA A 71 -36.97 1.55 -4.79
CA ALA A 71 -35.79 0.82 -4.49
C ALA A 71 -35.05 1.45 -3.33
N VAL A 72 -35.00 2.79 -3.30
CA VAL A 72 -34.53 3.49 -2.11
C VAL A 72 -35.37 3.05 -0.87
N GLY A 73 -36.70 3.07 -0.98
CA GLY A 73 -37.58 2.39 0.02
C GLY A 73 -37.04 1.00 0.47
N LYS A 74 -36.67 0.15 -0.48
CA LYS A 74 -36.45 -1.27 -0.24
C LYS A 74 -34.98 -1.72 -0.12
N ILE A 75 -34.10 -0.74 0.03
CA ILE A 75 -32.66 -0.92 0.22
C ILE A 75 -32.27 -2.12 1.16
N ASP A 76 -33.04 -2.46 2.19
CA ASP A 76 -32.66 -3.62 3.05
C ASP A 76 -32.82 -4.99 2.39
N ASP A 77 -33.77 -5.14 1.46
CA ASP A 77 -33.98 -6.41 0.76
C ASP A 77 -34.44 -6.16 -0.68
N LEU A 78 -33.49 -5.74 -1.49
CA LEU A 78 -33.69 -5.48 -2.90
C LEU A 78 -34.05 -6.77 -3.69
N LYS A 79 -33.45 -7.91 -3.32
CA LYS A 79 -33.79 -9.22 -3.91
C LYS A 79 -35.24 -9.63 -3.66
N GLY A 80 -35.69 -9.60 -2.41
CA GLY A 80 -37.12 -9.76 -2.07
C GLY A 80 -37.94 -8.65 -2.77
N GLY A 81 -37.49 -7.41 -2.64
CA GLY A 81 -38.27 -6.24 -3.04
C GLY A 81 -38.61 -6.00 -4.50
N LEU A 82 -37.76 -6.41 -5.44
CA LEU A 82 -37.99 -6.02 -6.82
C LEU A 82 -38.43 -7.16 -7.69
N LEU A 83 -39.18 -8.12 -7.13
CA LEU A 83 -39.50 -9.31 -7.85
C LEU A 83 -40.35 -9.06 -9.07
N SER A 84 -41.30 -8.13 -9.01
CA SER A 84 -42.18 -7.85 -10.18
C SER A 84 -41.40 -7.22 -11.34
N LEU A 85 -40.52 -6.28 -11.01
CA LEU A 85 -39.65 -5.65 -11.97
C LEU A 85 -38.61 -6.60 -12.59
N SER A 86 -38.07 -7.52 -11.78
CA SER A 86 -37.19 -8.58 -12.29
C SER A 86 -37.93 -9.45 -13.26
N GLU A 87 -39.06 -10.03 -12.87
CA GLU A 87 -39.92 -10.77 -13.82
C GLU A 87 -40.14 -10.00 -15.16
N LEU A 88 -40.41 -8.69 -15.10
CA LEU A 88 -40.58 -7.88 -16.31
C LEU A 88 -39.33 -7.81 -17.19
N HIS A 89 -38.20 -7.42 -16.58
CA HIS A 89 -36.95 -7.19 -17.32
C HIS A 89 -36.28 -8.52 -17.67
N ALA A 90 -36.07 -9.35 -16.65
CA ALA A 90 -35.28 -10.56 -16.79
C ALA A 90 -35.96 -11.68 -17.52
N PHE A 91 -37.27 -11.73 -17.49
CA PHE A 91 -38.01 -12.85 -18.08
C PHE A 91 -38.96 -12.51 -19.24
N MET A 92 -39.84 -11.55 -19.06
CA MET A 92 -40.76 -11.17 -20.11
C MET A 92 -39.99 -10.43 -21.23
N LEU A 93 -39.22 -9.41 -20.88
CA LEU A 93 -38.54 -8.60 -21.89
C LEU A 93 -37.20 -9.18 -22.30
N ARG A 94 -36.60 -9.99 -21.42
CA ARG A 94 -35.30 -10.61 -21.61
C ARG A 94 -34.22 -9.59 -21.94
N VAL A 95 -34.22 -8.49 -21.21
CA VAL A 95 -33.19 -7.50 -21.31
C VAL A 95 -31.83 -8.12 -20.98
N ASP A 96 -30.87 -7.96 -21.88
CA ASP A 96 -29.52 -8.41 -21.64
C ASP A 96 -29.04 -7.66 -20.39
N PRO A 97 -28.59 -8.40 -19.34
CA PRO A 97 -28.14 -7.76 -18.09
C PRO A 97 -26.94 -6.86 -18.27
N VAL A 98 -26.18 -7.05 -19.33
CA VAL A 98 -25.07 -6.14 -19.63
C VAL A 98 -25.54 -4.70 -19.84
N ASN A 99 -26.83 -4.47 -20.16
CA ASN A 99 -27.38 -3.13 -20.35
C ASN A 99 -27.57 -2.31 -19.09
N PHE A 100 -27.86 -2.95 -17.97
CA PHE A 100 -28.16 -2.23 -16.71
C PHE A 100 -27.13 -1.18 -16.34
N LYS A 101 -25.86 -1.55 -16.40
CA LYS A 101 -24.78 -0.59 -16.14
C LYS A 101 -24.75 0.59 -17.16
N LEU A 102 -25.32 0.42 -18.36
CA LEU A 102 -25.38 1.51 -19.34
C LEU A 102 -26.37 2.60 -18.90
N LEU A 103 -27.45 2.19 -18.26
CA LEU A 103 -28.37 3.15 -17.67
C LEU A 103 -27.74 3.73 -16.42
N ALA A 104 -27.31 2.83 -15.54
CA ALA A 104 -26.69 3.22 -14.27
C ALA A 104 -25.57 4.29 -14.48
N HIS A 105 -24.76 4.11 -15.49
CA HIS A 105 -23.67 5.03 -15.77
C HIS A 105 -24.21 6.42 -16.12
N CYS A 106 -25.26 6.44 -16.94
CA CYS A 106 -25.84 7.69 -17.36
C CYS A 106 -26.54 8.42 -16.25
N MET A 107 -27.11 7.69 -15.28
CA MET A 107 -27.66 8.35 -14.09
C MET A 107 -26.60 9.03 -13.25
N LEU A 108 -25.44 8.40 -13.15
CA LEU A 108 -24.34 8.96 -12.41
C LEU A 108 -23.78 10.18 -13.14
N VAL A 109 -23.86 10.20 -14.48
CA VAL A 109 -23.45 11.38 -15.28
C VAL A 109 -24.44 12.54 -15.01
N CYS A 110 -25.75 12.30 -15.12
CA CYS A 110 -26.77 13.32 -14.76
C CYS A 110 -26.68 13.81 -13.31
N MET A 111 -26.44 12.90 -12.36
CA MET A 111 -26.20 13.31 -10.96
C MET A 111 -24.92 14.17 -10.77
N SER A 112 -23.91 13.98 -11.63
CA SER A 112 -22.68 14.77 -11.55
C SER A 112 -22.79 16.16 -12.21
N MET A 113 -23.59 16.27 -13.25
CA MET A 113 -23.77 17.55 -13.93
C MET A 113 -24.62 18.46 -13.09
N ILE A 114 -25.64 17.85 -12.49
CA ILE A 114 -26.70 18.55 -11.78
C ILE A 114 -26.25 18.84 -10.33
N PHE A 115 -25.41 17.98 -9.75
CA PHE A 115 -24.96 18.13 -8.36
C PHE A 115 -23.45 18.03 -8.25
N PRO A 116 -22.73 18.82 -9.05
CA PRO A 116 -21.27 18.79 -8.89
C PRO A 116 -20.90 19.26 -7.47
N GLU A 117 -19.77 18.80 -6.95
CA GLU A 117 -19.30 19.30 -5.64
C GLU A 117 -20.34 19.05 -4.51
N GLU A 118 -20.50 17.79 -4.15
CA GLU A 118 -21.64 17.21 -3.39
C GLU A 118 -21.86 15.79 -3.90
N PHE A 119 -21.68 15.59 -5.22
CA PHE A 119 -21.49 14.27 -5.81
C PHE A 119 -19.99 13.88 -5.80
N THR A 120 -19.50 13.65 -4.57
CA THR A 120 -18.10 13.26 -4.31
C THR A 120 -17.81 11.82 -4.69
N PRO A 121 -16.53 11.42 -4.65
CA PRO A 121 -16.25 9.99 -4.78
C PRO A 121 -16.99 9.09 -3.76
N GLN A 122 -17.19 9.62 -2.54
CA GLN A 122 -17.84 8.93 -1.44
C GLN A 122 -19.28 8.60 -1.78
N VAL A 123 -19.98 9.65 -2.18
CA VAL A 123 -21.36 9.55 -2.63
C VAL A 123 -21.49 8.69 -3.90
N HIS A 124 -20.54 8.85 -4.81
CA HIS A 124 -20.43 7.98 -5.98
C HIS A 124 -20.29 6.50 -5.51
N VAL A 125 -19.46 6.19 -4.49
CA VAL A 125 -19.28 4.80 -3.97
C VAL A 125 -20.66 4.28 -3.72
N ALA A 126 -21.36 5.01 -2.87
CA ALA A 126 -22.60 4.55 -2.29
C ALA A 126 -23.73 4.45 -3.31
N VAL A 127 -23.81 5.41 -4.25
CA VAL A 127 -24.83 5.40 -5.31
C VAL A 127 -24.56 4.27 -6.33
N ASP A 128 -23.27 4.09 -6.71
CA ASP A 128 -22.87 2.98 -7.59
C ASP A 128 -23.19 1.63 -6.98
N LYS A 129 -22.92 1.50 -5.67
CA LYS A 129 -23.23 0.28 -4.94
C LYS A 129 -24.73 0.05 -4.95
N PHE A 130 -25.49 1.11 -4.66
CA PHE A 130 -26.95 1.05 -4.78
C PHE A 130 -27.39 0.56 -6.19
N LEU A 131 -26.87 1.16 -7.26
CA LEU A 131 -27.35 0.81 -8.62
C LEU A 131 -26.87 -0.57 -9.08
N ALA A 132 -25.70 -0.98 -8.59
CA ALA A 132 -25.19 -2.31 -8.88
C ALA A 132 -26.09 -3.36 -8.20
N GLN A 133 -26.51 -3.14 -6.94
CA GLN A 133 -27.45 -4.05 -6.28
C GLN A 133 -28.83 -4.06 -6.86
N LEU A 134 -29.21 -2.89 -7.36
CA LEU A 134 -30.48 -2.73 -8.01
C LEU A 134 -30.49 -3.63 -9.27
N ALA A 135 -29.42 -3.60 -10.04
CA ALA A 135 -29.31 -4.49 -11.20
C ALA A 135 -29.31 -6.00 -10.82
N LEU A 136 -28.59 -6.35 -9.75
CA LEU A 136 -28.63 -7.73 -9.24
C LEU A 136 -30.03 -8.11 -8.88
N ALA A 137 -30.67 -7.21 -8.14
CA ALA A 137 -32.06 -7.43 -7.79
C ALA A 137 -32.92 -7.75 -9.03
N LEU A 138 -32.83 -6.91 -10.05
CA LEU A 138 -33.60 -7.11 -11.28
C LEU A 138 -33.23 -8.35 -12.05
N ALA A 139 -31.99 -8.77 -11.87
CA ALA A 139 -31.51 -9.97 -12.46
C ALA A 139 -32.06 -11.28 -11.84
N GLU A 140 -32.75 -11.25 -10.70
CA GLU A 140 -33.30 -12.50 -10.12
C GLU A 140 -34.05 -13.50 -11.00
N LYS A 141 -34.78 -13.06 -12.03
CA LYS A 141 -35.69 -13.99 -12.75
C LYS A 141 -35.24 -14.40 -14.16
N TYR A 142 -33.94 -14.33 -14.40
CA TYR A 142 -33.39 -14.79 -15.65
C TYR A 142 -33.48 -16.29 -15.81
N ARG A 143 -33.11 -17.05 -14.79
CA ARG A 143 -32.92 -18.51 -14.94
C ARG A 143 -32.94 -19.22 -13.60
N VAL B 1 -11.02 4.12 -37.61
CA VAL B 1 -12.38 4.71 -37.46
C VAL B 1 -12.47 6.09 -38.11
N GLU B 2 -13.63 6.38 -38.70
CA GLU B 2 -13.89 7.66 -39.35
C GLU B 2 -14.38 8.67 -38.32
N TRP B 3 -13.55 9.68 -38.03
CA TRP B 3 -13.99 10.84 -37.25
C TRP B 3 -14.68 11.81 -38.19
N THR B 4 -15.81 12.35 -37.76
CA THR B 4 -16.40 13.47 -38.47
C THR B 4 -15.72 14.75 -38.01
N ASP B 5 -16.05 15.83 -38.71
CA ASP B 5 -15.49 17.14 -38.39
C ASP B 5 -16.01 17.69 -37.08
N SER B 6 -17.30 17.48 -36.79
CA SER B 6 -17.91 17.99 -35.53
C SER B 6 -17.35 17.26 -34.31
N GLU B 7 -17.19 15.94 -34.44
CA GLU B 7 -16.59 15.11 -33.38
C GLU B 7 -15.20 15.61 -33.02
N ARG B 8 -14.35 15.82 -34.03
CA ARG B 8 -13.01 16.38 -33.82
C ARG B 8 -13.11 17.72 -33.13
N ALA B 9 -14.05 18.57 -33.57
CA ALA B 9 -14.23 19.89 -32.94
C ALA B 9 -14.63 19.72 -31.47
N ILE B 10 -15.52 18.76 -31.19
CA ILE B 10 -16.01 18.53 -29.82
C ILE B 10 -14.93 17.95 -28.94
N ILE B 11 -14.15 17.00 -29.45
CA ILE B 11 -13.14 16.39 -28.63
C ILE B 11 -12.05 17.41 -28.24
N THR B 12 -11.56 18.20 -29.20
CA THR B 12 -10.53 19.23 -28.89
C THR B 12 -11.06 20.35 -27.98
N SER B 13 -12.34 20.68 -28.08
CA SER B 13 -12.94 21.62 -27.12
C SER B 13 -12.89 21.07 -25.68
N ILE B 14 -13.39 19.86 -25.46
CA ILE B 14 -13.36 19.24 -24.14
C ILE B 14 -12.01 19.47 -23.49
N PHE B 15 -10.94 19.06 -24.18
CA PHE B 15 -9.57 19.17 -23.62
C PHE B 15 -9.17 20.62 -23.33
N SER B 16 -9.34 21.51 -24.31
CA SER B 16 -8.95 22.91 -24.19
C SER B 16 -9.33 23.54 -22.86
N ASN B 17 -10.53 23.25 -22.37
CA ASN B 17 -11.00 23.85 -21.12
C ASN B 17 -10.49 23.18 -19.83
N LEU B 18 -9.84 22.00 -19.92
CA LEU B 18 -9.51 21.18 -18.73
C LEU B 18 -8.15 21.43 -18.13
N ASP B 19 -8.12 21.71 -16.82
CA ASP B 19 -6.87 21.70 -16.03
C ASP B 19 -6.42 20.25 -15.79
N TYR B 20 -5.40 19.79 -16.53
CA TYR B 20 -4.96 18.39 -16.47
C TYR B 20 -4.57 17.93 -15.06
N GLU B 21 -4.06 18.85 -14.24
CA GLU B 21 -3.73 18.56 -12.87
C GLU B 21 -4.97 18.26 -12.05
N GLU B 22 -6.06 19.00 -12.27
CA GLU B 22 -7.31 18.91 -11.47
C GLU B 22 -8.27 17.79 -11.90
N ILE B 23 -8.15 17.39 -13.16
CA ILE B 23 -8.97 16.35 -13.77
C ILE B 23 -8.32 15.02 -13.43
N GLY B 24 -7.02 14.94 -13.68
CA GLY B 24 -6.17 13.85 -13.20
C GLY B 24 -6.38 13.50 -11.75
N ARG B 25 -6.10 14.43 -10.85
CA ARG B 25 -6.28 14.25 -9.41
C ARG B 25 -7.67 13.70 -9.11
N LYS B 26 -8.71 14.39 -9.58
CA LYS B 26 -10.08 14.01 -9.24
C LYS B 26 -10.50 12.64 -9.82
N SER B 27 -10.08 12.34 -11.05
CA SER B 27 -10.45 11.11 -11.73
C SER B 27 -9.88 9.82 -11.12
N LEU B 28 -8.58 9.83 -10.89
CA LEU B 28 -7.89 8.71 -10.32
C LEU B 28 -8.31 8.53 -8.88
N CYS B 29 -8.43 9.63 -8.15
CA CYS B 29 -8.92 9.58 -6.76
C CYS B 29 -10.29 8.91 -6.65
N ARG B 30 -11.17 9.26 -7.56
CA ARG B 30 -12.52 8.72 -7.62
C ARG B 30 -12.50 7.24 -7.99
N CYS B 31 -11.65 6.85 -8.94
CA CYS B 31 -11.47 5.45 -9.34
C CYS B 31 -11.06 4.53 -8.16
N LEU B 32 -10.06 4.98 -7.41
CA LEU B 32 -9.55 4.28 -6.24
C LEU B 32 -10.52 4.28 -5.06
N ILE B 33 -11.41 5.29 -5.01
CA ILE B 33 -12.40 5.34 -3.95
C ILE B 33 -13.62 4.51 -4.35
N VAL B 34 -14.04 4.67 -5.60
CA VAL B 34 -15.24 3.99 -6.06
C VAL B 34 -14.95 2.52 -6.31
N TYR B 35 -13.74 2.20 -6.75
CA TYR B 35 -13.39 0.84 -7.20
C TYR B 35 -12.11 0.38 -6.50
N PRO B 36 -12.15 0.15 -5.16
CA PRO B 36 -10.93 0.06 -4.34
C PRO B 36 -9.97 -1.11 -4.56
N TRP B 37 -10.35 -2.06 -5.38
CA TRP B 37 -9.43 -3.13 -5.76
C TRP B 37 -8.36 -2.60 -6.70
N THR B 38 -8.65 -1.53 -7.44
CA THR B 38 -7.63 -0.88 -8.28
C THR B 38 -6.42 -0.31 -7.47
N GLN B 39 -6.59 -0.07 -6.19
CA GLN B 39 -5.45 0.31 -5.33
C GLN B 39 -4.31 -0.73 -5.29
N ARG B 40 -4.61 -1.99 -5.60
CA ARG B 40 -3.58 -3.04 -5.72
C ARG B 40 -2.39 -2.61 -6.56
N TYR B 41 -2.64 -1.85 -7.63
CA TYR B 41 -1.57 -1.45 -8.55
C TYR B 41 -0.88 -0.10 -8.15
N PHE B 42 -1.28 0.49 -7.02
CA PHE B 42 -0.76 1.78 -6.56
C PHE B 42 -0.28 1.74 -5.10
N GLY B 43 0.29 0.61 -4.66
CA GLY B 43 0.79 0.52 -3.28
C GLY B 43 1.91 1.51 -2.93
N ALA B 44 2.72 1.86 -3.92
CA ALA B 44 3.87 2.75 -3.73
C ALA B 44 3.51 4.24 -3.85
N PHE B 45 2.25 4.58 -3.64
CA PHE B 45 1.78 5.94 -3.82
C PHE B 45 1.25 6.51 -2.52
N GLY B 46 1.90 6.12 -1.43
CA GLY B 46 1.64 6.69 -0.12
C GLY B 46 0.48 5.96 0.49
N ASN B 47 -0.11 6.60 1.48
CA ASN B 47 -1.18 5.99 2.22
C ASN B 47 -2.49 6.14 1.42
N LEU B 48 -3.18 5.01 1.22
CA LEU B 48 -4.52 4.95 0.63
C LEU B 48 -5.61 4.56 1.64
N TYR B 49 -5.46 5.00 2.89
CA TYR B 49 -6.30 4.58 4.01
C TYR B 49 -7.83 4.78 3.87
N ASN B 50 -8.24 5.94 3.36
CA ASN B 50 -9.67 6.19 3.11
C ASN B 50 -9.85 7.27 2.06
N ALA B 51 -11.10 7.61 1.78
CA ALA B 51 -11.43 8.60 0.77
C ALA B 51 -10.61 9.87 0.95
N GLU B 52 -10.64 10.40 2.17
CA GLU B 52 -10.06 11.72 2.49
C GLU B 52 -8.54 11.77 2.27
N THR B 53 -7.84 10.77 2.83
CA THR B 53 -6.39 10.57 2.68
C THR B 53 -6.01 10.54 1.21
N ILE B 54 -6.71 9.70 0.44
CA ILE B 54 -6.47 9.51 -1.01
C ILE B 54 -6.66 10.85 -1.75
N LEU B 55 -7.71 11.57 -1.35
CA LEU B 55 -8.08 12.86 -1.91
C LEU B 55 -7.09 13.97 -1.53
N ALA B 56 -6.23 13.70 -0.55
CA ALA B 56 -5.25 14.63 -0.06
C ALA B 56 -3.82 14.17 -0.39
N ASN B 57 -3.69 13.08 -1.16
CA ASN B 57 -2.39 12.43 -1.40
C ASN B 57 -1.72 13.07 -2.63
N PRO B 58 -0.56 13.74 -2.44
CA PRO B 58 0.09 14.36 -3.60
C PRO B 58 0.62 13.43 -4.72
N LEU B 59 1.25 12.29 -4.43
CA LEU B 59 1.74 11.45 -5.56
C LEU B 59 0.61 10.77 -6.36
N ILE B 60 -0.58 10.63 -5.77
CA ILE B 60 -1.78 10.22 -6.55
C ILE B 60 -2.09 11.32 -7.59
N ALA B 61 -2.26 12.55 -7.09
CA ALA B 61 -2.57 13.73 -7.93
C ALA B 61 -1.50 14.00 -9.00
N ALA B 62 -0.25 13.60 -8.75
CA ALA B 62 0.82 13.72 -9.75
C ALA B 62 0.72 12.64 -10.81
N HIS B 63 0.31 11.45 -10.42
CA HIS B 63 0.09 10.38 -11.39
C HIS B 63 -1.17 10.61 -12.21
N GLY B 64 -2.21 11.15 -11.57
CA GLY B 64 -3.38 11.63 -12.27
C GLY B 64 -2.95 12.44 -13.50
N THR B 65 -2.20 13.50 -13.24
CA THR B 65 -1.74 14.39 -14.30
C THR B 65 -1.13 13.60 -15.44
N LYS B 66 -0.28 12.64 -15.10
CA LYS B 66 0.44 11.84 -16.09
C LYS B 66 -0.52 10.99 -16.95
N ILE B 67 -1.73 10.74 -16.46
CA ILE B 67 -2.74 10.05 -17.25
C ILE B 67 -3.35 11.03 -18.23
N LEU B 68 -3.64 12.24 -17.77
CA LEU B 68 -4.29 13.23 -18.64
C LEU B 68 -3.37 13.66 -19.76
N HIS B 69 -2.05 13.59 -19.56
CA HIS B 69 -1.12 13.85 -20.66
C HIS B 69 -1.03 12.66 -21.62
N GLY B 70 -1.06 11.45 -21.05
CA GLY B 70 -1.26 10.22 -21.82
C GLY B 70 -2.45 10.31 -22.79
N LEU B 71 -3.57 10.83 -22.30
CA LEU B 71 -4.75 11.03 -23.15
C LEU B 71 -4.52 12.07 -24.27
N ASP B 72 -3.70 13.09 -24.00
CA ASP B 72 -3.28 14.09 -25.00
C ASP B 72 -2.59 13.44 -26.22
N ARG B 73 -1.71 12.48 -25.97
CA ARG B 73 -1.07 11.71 -27.06
C ARG B 73 -2.10 11.07 -28.03
N ALA B 74 -3.38 10.97 -27.63
CA ALA B 74 -4.46 10.55 -28.52
C ALA B 74 -5.28 11.73 -29.09
N LEU B 75 -5.51 12.79 -28.29
CA LEU B 75 -6.07 14.06 -28.80
C LEU B 75 -5.23 14.55 -29.99
N LYS B 76 -3.90 14.52 -29.81
CA LYS B 76 -2.96 15.00 -30.79
C LYS B 76 -2.82 14.06 -32.00
N ASN B 77 -3.23 12.80 -31.87
CA ASN B 77 -3.05 11.77 -32.91
C ASN B 77 -4.30 10.87 -33.10
N MET B 78 -5.43 11.48 -33.39
CA MET B 78 -6.72 10.77 -33.36
C MET B 78 -6.94 9.67 -34.41
N ASP B 79 -6.09 9.59 -35.43
CA ASP B 79 -6.19 8.55 -36.45
C ASP B 79 -5.08 7.50 -36.36
N ASP B 80 -4.20 7.62 -35.37
CA ASP B 80 -3.18 6.58 -35.17
C ASP B 80 -3.16 6.18 -33.69
N ILE B 81 -4.35 5.92 -33.15
CA ILE B 81 -4.50 5.72 -31.71
C ILE B 81 -3.98 4.34 -31.26
N LYS B 82 -4.20 3.26 -32.05
CA LYS B 82 -3.63 1.93 -31.67
C LYS B 82 -2.11 2.03 -31.49
N ASN B 83 -1.41 2.42 -32.56
CA ASN B 83 0.05 2.48 -32.56
C ASN B 83 0.63 3.49 -31.54
N THR B 84 0.01 4.66 -31.40
CA THR B 84 0.47 5.61 -30.39
C THR B 84 0.56 4.96 -28.99
N TYR B 85 -0.46 4.18 -28.60
CA TYR B 85 -0.51 3.53 -27.27
C TYR B 85 0.11 2.12 -27.16
N ALA B 86 0.81 1.65 -28.18
CA ALA B 86 1.38 0.29 -28.16
C ALA B 86 2.45 0.09 -27.07
N GLU B 87 3.27 1.11 -26.84
CA GLU B 87 4.32 1.04 -25.80
C GLU B 87 3.63 0.97 -24.44
N LEU B 88 2.67 1.87 -24.21
CA LEU B 88 1.80 1.79 -23.03
C LEU B 88 1.06 0.45 -22.86
N SER B 89 0.30 0.01 -23.86
CA SER B 89 -0.39 -1.28 -23.81
C SER B 89 0.53 -2.39 -23.27
N LEU B 90 1.71 -2.54 -23.89
CA LEU B 90 2.70 -3.47 -23.36
C LEU B 90 2.93 -3.25 -21.86
N LEU B 91 3.22 -2.01 -21.46
CA LEU B 91 3.55 -1.66 -20.05
C LEU B 91 2.47 -1.99 -19.02
N HIS B 92 1.22 -1.69 -19.39
CA HIS B 92 0.10 -1.84 -18.47
C HIS B 92 -0.19 -3.31 -18.23
N SER B 93 -0.41 -4.05 -19.32
CA SER B 93 -0.88 -5.43 -19.23
C SER B 93 0.19 -6.42 -18.75
N ASP B 94 1.48 -6.10 -18.92
CA ASP B 94 2.57 -7.07 -18.66
C ASP B 94 3.47 -6.72 -17.46
N LYS B 95 4.08 -5.53 -17.48
CA LYS B 95 4.88 -5.07 -16.34
C LYS B 95 4.01 -4.66 -15.11
N LEU B 96 2.71 -4.39 -15.32
CA LEU B 96 1.80 -4.02 -14.23
C LEU B 96 0.63 -5.00 -13.99
N HIS B 97 0.18 -5.69 -15.04
CA HIS B 97 -0.79 -6.80 -14.98
C HIS B 97 -2.29 -6.44 -15.15
N VAL B 98 -2.63 -5.15 -15.09
CA VAL B 98 -4.05 -4.67 -15.11
C VAL B 98 -4.94 -5.29 -16.20
N ASP B 99 -6.10 -5.83 -15.78
CA ASP B 99 -7.08 -6.46 -16.69
C ASP B 99 -7.70 -5.38 -17.55
N PRO B 100 -8.12 -5.72 -18.78
CA PRO B 100 -8.90 -4.80 -19.63
C PRO B 100 -10.01 -4.00 -18.94
N ASP B 101 -10.77 -4.62 -18.04
CA ASP B 101 -11.95 -3.95 -17.46
C ASP B 101 -11.64 -2.78 -16.51
N ASN B 102 -10.42 -2.69 -15.97
CA ASN B 102 -10.07 -1.53 -15.14
C ASN B 102 -9.92 -0.23 -15.95
N PHE B 103 -9.50 -0.33 -17.21
CA PHE B 103 -9.44 0.81 -18.12
C PHE B 103 -10.82 1.42 -18.34
N ARG B 104 -11.87 0.59 -18.43
CA ARG B 104 -13.24 1.11 -18.46
C ARG B 104 -13.62 1.84 -17.15
N LEU B 105 -13.28 1.25 -16.01
CA LEU B 105 -13.60 1.79 -14.69
C LEU B 105 -13.03 3.20 -14.51
N LEU B 106 -11.81 3.43 -14.96
CA LEU B 106 -11.23 4.76 -14.89
C LEU B 106 -11.83 5.71 -15.95
N ALA B 107 -12.21 5.18 -17.09
CA ALA B 107 -12.87 5.99 -18.10
C ALA B 107 -14.23 6.44 -17.62
N ASP B 108 -14.99 5.53 -17.02
CA ASP B 108 -16.25 5.91 -16.35
C ASP B 108 -16.02 7.06 -15.36
N CYS B 109 -14.95 6.97 -14.58
CA CYS B 109 -14.63 8.02 -13.61
C CYS B 109 -14.16 9.33 -14.24
N LEU B 110 -13.42 9.28 -15.35
CA LEU B 110 -13.04 10.52 -16.05
C LEU B 110 -14.25 11.20 -16.62
N THR B 111 -15.18 10.40 -17.14
CA THR B 111 -16.41 10.92 -17.71
C THR B 111 -17.24 11.63 -16.67
N VAL B 112 -17.29 11.09 -15.46
CA VAL B 112 -18.05 11.73 -14.38
C VAL B 112 -17.40 13.01 -13.93
N VAL B 113 -16.08 13.07 -13.89
CA VAL B 113 -15.37 14.29 -13.53
C VAL B 113 -15.66 15.37 -14.56
N ILE B 114 -15.55 15.03 -15.84
CA ILE B 114 -15.79 15.98 -16.96
C ILE B 114 -17.26 16.38 -17.08
N ALA B 115 -18.18 15.47 -16.81
CA ALA B 115 -19.58 15.85 -16.79
C ALA B 115 -19.80 16.94 -15.74
N ALA B 116 -19.23 16.78 -14.56
CA ALA B 116 -19.34 17.78 -13.48
C ALA B 116 -18.74 19.17 -13.82
N LYS B 117 -17.49 19.22 -14.29
CA LYS B 117 -16.82 20.47 -14.71
C LYS B 117 -17.52 21.20 -15.88
N MET B 118 -17.79 20.50 -16.96
CA MET B 118 -18.51 21.08 -18.14
C MET B 118 -20.00 21.41 -17.92
N GLY B 119 -20.60 20.96 -16.81
CA GLY B 119 -22.01 21.25 -16.50
C GLY B 119 -22.99 20.98 -17.64
N SER B 120 -23.75 22.02 -18.00
CA SER B 120 -24.72 21.92 -19.09
C SER B 120 -24.05 21.71 -20.46
N ALA B 121 -22.85 22.27 -20.65
CA ALA B 121 -22.14 22.14 -21.93
C ALA B 121 -21.74 20.67 -22.29
N PHE B 122 -21.84 19.74 -21.34
CA PHE B 122 -21.72 18.31 -21.62
C PHE B 122 -23.05 17.78 -22.19
N THR B 123 -23.27 18.06 -23.46
CA THR B 123 -24.53 17.72 -24.13
C THR B 123 -24.59 16.24 -24.48
N VAL B 124 -25.76 15.75 -24.86
CA VAL B 124 -25.90 14.40 -25.39
C VAL B 124 -24.86 14.19 -26.49
N ASP B 125 -24.89 15.09 -27.48
CA ASP B 125 -23.98 15.06 -28.63
C ASP B 125 -22.52 15.05 -28.19
N THR B 126 -22.21 15.81 -27.14
CA THR B 126 -20.86 15.85 -26.59
C THR B 126 -20.55 14.49 -25.96
N GLN B 127 -21.45 14.01 -25.10
CA GLN B 127 -21.25 12.66 -24.50
C GLN B 127 -21.02 11.53 -25.55
N VAL B 128 -21.84 11.46 -26.59
CA VAL B 128 -21.65 10.47 -27.71
C VAL B 128 -20.25 10.51 -28.29
N ALA B 129 -19.69 11.71 -28.41
CA ALA B 129 -18.39 11.93 -29.03
C ALA B 129 -17.27 11.57 -28.06
N TRP B 130 -17.37 12.11 -26.85
CA TRP B 130 -16.47 11.73 -25.75
C TRP B 130 -16.38 10.22 -25.59
N GLN B 131 -17.54 9.58 -25.55
CA GLN B 131 -17.63 8.12 -25.38
C GLN B 131 -16.95 7.38 -26.49
N LYS B 132 -17.12 7.83 -27.73
CA LYS B 132 -16.49 7.16 -28.87
C LYS B 132 -14.98 7.30 -28.73
N PHE B 133 -14.54 8.51 -28.42
CA PHE B 133 -13.14 8.75 -28.12
C PHE B 133 -12.67 7.77 -27.06
N LEU B 134 -13.31 7.74 -25.88
CA LEU B 134 -12.85 6.84 -24.83
C LEU B 134 -12.86 5.36 -25.24
N SER B 135 -13.87 4.92 -26.00
CA SER B 135 -13.97 3.53 -26.46
C SER B 135 -12.76 3.15 -27.23
N VAL B 136 -12.33 4.06 -28.10
CA VAL B 136 -11.14 3.85 -28.95
C VAL B 136 -9.86 3.84 -28.09
N VAL B 137 -9.70 4.87 -27.25
CA VAL B 137 -8.59 4.94 -26.28
C VAL B 137 -8.48 3.67 -25.45
N VAL B 138 -9.62 3.25 -24.91
CA VAL B 138 -9.69 2.06 -24.05
C VAL B 138 -9.43 0.81 -24.87
N SER B 139 -9.89 0.76 -26.11
CA SER B 139 -9.59 -0.40 -26.97
C SER B 139 -8.09 -0.44 -27.34
N ALA B 140 -7.47 0.72 -27.56
CA ALA B 140 -6.04 0.78 -27.84
C ALA B 140 -5.14 0.44 -26.66
N LEU B 141 -5.60 0.74 -25.44
CA LEU B 141 -4.78 0.50 -24.25
C LEU B 141 -4.75 -0.95 -23.76
N GLY B 142 -5.71 -1.79 -24.20
CA GLY B 142 -5.78 -3.21 -23.80
C GLY B 142 -4.94 -4.11 -24.69
N ARG B 143 -5.03 -5.43 -24.49
CA ARG B 143 -4.26 -6.40 -25.29
C ARG B 143 -4.75 -6.41 -26.73
N GLN B 144 -3.81 -6.60 -27.67
CA GLN B 144 -4.10 -6.62 -29.10
C GLN B 144 -4.13 -8.01 -29.70
N TYR B 145 -4.83 -8.10 -30.85
CA TYR B 145 -4.92 -9.32 -31.67
C TYR B 145 -5.05 -8.92 -33.14
N SER C 2 -29.66 -16.08 -7.34
CA SER C 2 -30.41 -16.90 -6.31
C SER C 2 -30.95 -18.18 -6.83
N LEU C 3 -30.65 -19.29 -6.16
CA LEU C 3 -31.07 -20.57 -6.65
C LEU C 3 -32.48 -20.87 -6.15
N SER C 4 -33.28 -21.48 -7.01
CA SER C 4 -34.53 -22.04 -6.58
C SER C 4 -34.17 -23.25 -5.69
N SER C 5 -35.13 -23.76 -4.91
CA SER C 5 -34.91 -24.94 -4.09
C SER C 5 -34.56 -26.18 -4.91
N LYS C 6 -35.22 -26.36 -6.05
CA LYS C 6 -34.81 -27.40 -7.03
C LYS C 6 -33.35 -27.28 -7.40
N GLN C 7 -32.93 -26.06 -7.72
CA GLN C 7 -31.56 -25.85 -8.18
C GLN C 7 -30.53 -26.11 -7.12
N LYS C 8 -30.86 -25.78 -5.88
CA LYS C 8 -30.00 -26.13 -4.76
C LYS C 8 -29.86 -27.63 -4.61
N ALA C 9 -30.96 -28.36 -4.76
CA ALA C 9 -30.90 -29.81 -4.68
C ALA C 9 -30.01 -30.36 -5.77
N THR C 10 -30.14 -29.78 -6.97
CA THR C 10 -29.28 -30.20 -8.11
C THR C 10 -27.82 -30.02 -7.74
N VAL C 11 -27.48 -28.89 -7.14
CA VAL C 11 -26.10 -28.62 -6.73
C VAL C 11 -25.64 -29.53 -5.57
N LYS C 12 -26.45 -29.72 -4.52
CA LYS C 12 -26.06 -30.65 -3.39
C LYS C 12 -25.83 -32.04 -3.93
N ASP C 13 -26.74 -32.49 -4.80
CA ASP C 13 -26.65 -33.81 -5.39
C ASP C 13 -25.45 -33.98 -6.34
N PHE C 14 -25.13 -32.97 -7.17
CA PHE C 14 -23.97 -33.11 -8.08
C PHE C 14 -22.67 -33.01 -7.31
N PHE C 15 -22.59 -32.13 -6.32
CA PHE C 15 -21.33 -32.01 -5.56
C PHE C 15 -21.03 -33.27 -4.75
N SER C 16 -22.06 -33.91 -4.26
CA SER C 16 -21.92 -35.21 -3.63
C SER C 16 -21.42 -36.25 -4.58
N LYS C 17 -21.94 -36.26 -5.81
CA LYS C 17 -21.50 -37.25 -6.80
C LYS C 17 -20.05 -37.04 -7.24
N MET C 18 -19.52 -35.80 -7.17
CA MET C 18 -18.08 -35.60 -7.51
C MET C 18 -17.09 -35.57 -6.31
N SER C 19 -17.54 -35.94 -5.12
CA SER C 19 -16.70 -35.95 -3.90
C SER C 19 -15.41 -36.73 -4.02
N THR C 20 -15.52 -37.94 -4.55
CA THR C 20 -14.38 -38.86 -4.70
C THR C 20 -13.35 -38.43 -5.74
N ARG C 21 -13.71 -37.50 -6.61
CA ARG C 21 -12.82 -36.89 -7.56
C ARG C 21 -12.63 -35.39 -7.25
N SER C 22 -13.04 -34.95 -6.07
CA SER C 22 -12.94 -33.56 -5.61
C SER C 22 -11.56 -32.94 -5.82
N ASP C 23 -10.53 -33.58 -5.31
CA ASP C 23 -9.17 -33.05 -5.35
C ASP C 23 -8.68 -32.85 -6.75
N ASP C 24 -8.96 -33.83 -7.58
CA ASP C 24 -8.48 -33.81 -8.93
C ASP C 24 -9.18 -32.68 -9.74
N ILE C 25 -10.44 -32.39 -9.40
CA ILE C 25 -11.20 -31.33 -10.06
C ILE C 25 -10.56 -29.98 -9.70
N GLY C 26 -10.15 -29.85 -8.42
CA GLY C 26 -9.66 -28.58 -7.90
C GLY C 26 -8.32 -28.22 -8.48
N ALA C 27 -7.47 -29.24 -8.60
CA ALA C 27 -6.11 -29.12 -9.09
C ALA C 27 -6.12 -28.88 -10.57
N GLU C 28 -6.91 -29.65 -11.30
CA GLU C 28 -7.16 -29.36 -12.72
C GLU C 28 -7.64 -27.91 -12.91
N ALA C 29 -8.63 -27.50 -12.11
CA ALA C 29 -9.19 -26.14 -12.19
C ALA C 29 -8.18 -25.01 -11.93
N LEU C 30 -7.38 -25.11 -10.89
CA LEU C 30 -6.44 -24.07 -10.58
C LEU C 30 -5.31 -24.11 -11.59
N SER C 31 -4.99 -25.30 -12.08
CA SER C 31 -3.94 -25.46 -13.08
C SER C 31 -4.35 -24.85 -14.40
N ARG C 32 -5.58 -25.14 -14.81
CA ARG C 32 -6.12 -24.53 -16.00
C ARG C 32 -6.29 -23.05 -15.84
N LEU C 33 -6.79 -22.56 -14.70
CA LEU C 33 -6.85 -21.09 -14.46
C LEU C 33 -5.54 -20.39 -14.81
N VAL C 34 -4.46 -20.91 -14.27
CA VAL C 34 -3.12 -20.31 -14.38
C VAL C 34 -2.45 -20.51 -15.78
N ALA C 35 -2.72 -21.60 -16.44
CA ALA C 35 -2.27 -21.79 -17.81
C ALA C 35 -3.10 -20.93 -18.79
N VAL C 36 -4.42 -21.04 -18.67
CA VAL C 36 -5.32 -20.47 -19.66
C VAL C 36 -5.40 -18.95 -19.54
N TYR C 37 -5.43 -18.43 -18.31
CA TYR C 37 -5.54 -17.01 -18.06
C TYR C 37 -4.29 -16.57 -17.31
N PRO C 38 -3.16 -16.44 -18.03
CA PRO C 38 -1.84 -16.16 -17.44
C PRO C 38 -1.71 -14.95 -16.52
N GLN C 39 -2.60 -13.97 -16.62
CA GLN C 39 -2.62 -12.83 -15.67
C GLN C 39 -2.87 -13.25 -14.19
N THR C 40 -3.49 -14.42 -13.97
CA THR C 40 -3.79 -14.84 -12.62
C THR C 40 -2.57 -15.23 -11.79
N LYS C 41 -1.45 -15.53 -12.43
CA LYS C 41 -0.23 -15.92 -11.71
C LYS C 41 0.34 -14.80 -10.85
N SER C 42 0.08 -13.55 -11.22
CA SER C 42 0.53 -12.44 -10.39
C SER C 42 0.04 -12.52 -8.94
N TYR C 43 -1.13 -13.14 -8.74
CA TYR C 43 -1.70 -13.34 -7.42
C TYR C 43 -0.95 -14.40 -6.62
N PHE C 44 -0.25 -15.28 -7.32
CA PHE C 44 0.44 -16.41 -6.75
C PHE C 44 1.98 -16.26 -6.88
N SER C 45 2.46 -15.08 -7.29
CA SER C 45 3.90 -14.78 -7.51
C SER C 45 4.83 -15.01 -6.31
N HIS C 46 4.26 -14.93 -5.11
CA HIS C 46 5.00 -15.16 -3.86
C HIS C 46 5.29 -16.63 -3.59
N TRP C 47 4.57 -17.54 -4.26
CA TRP C 47 4.92 -19.00 -4.21
C TRP C 47 6.21 -19.28 -5.00
N LYS C 48 6.70 -20.52 -4.90
CA LYS C 48 7.78 -20.99 -5.78
C LYS C 48 7.28 -21.88 -6.92
N ASP C 49 5.99 -21.83 -7.29
CA ASP C 49 5.53 -22.49 -8.54
C ASP C 49 4.13 -22.14 -9.07
N ALA C 50 3.96 -22.39 -10.37
CA ALA C 50 2.65 -22.53 -11.01
C ALA C 50 2.67 -23.61 -12.11
N SER C 51 1.45 -24.05 -12.44
CA SER C 51 1.04 -25.00 -13.47
C SER C 51 1.26 -26.44 -13.02
N PRO C 52 0.45 -27.40 -13.55
CA PRO C 52 0.06 -28.72 -12.97
C PRO C 52 1.06 -29.38 -12.01
N GLY C 53 1.36 -30.68 -12.16
CA GLY C 53 2.61 -31.32 -11.65
C GLY C 53 3.26 -30.68 -10.42
N SER C 54 3.51 -29.36 -10.56
CA SER C 54 3.80 -28.46 -9.44
C SER C 54 2.72 -28.62 -8.39
N ALA C 55 3.16 -29.21 -7.29
CA ALA C 55 2.34 -29.56 -6.17
C ALA C 55 1.77 -28.32 -5.48
N PRO C 56 2.48 -27.18 -5.51
CA PRO C 56 1.81 -26.06 -4.81
C PRO C 56 0.45 -25.71 -5.44
N VAL C 57 0.38 -25.68 -6.77
CA VAL C 57 -0.88 -25.51 -7.49
C VAL C 57 -1.85 -26.65 -7.17
N ARG C 58 -1.37 -27.88 -7.11
CA ARG C 58 -2.23 -29.01 -6.78
C ARG C 58 -2.79 -28.94 -5.39
N LYS C 59 -2.01 -28.54 -4.39
CA LYS C 59 -2.60 -28.43 -3.04
C LYS C 59 -3.38 -27.16 -2.80
N HIS C 60 -3.04 -26.06 -3.47
CA HIS C 60 -3.96 -24.90 -3.40
C HIS C 60 -5.33 -25.17 -4.09
N GLY C 61 -5.33 -25.90 -5.18
CA GLY C 61 -6.56 -26.38 -5.74
C GLY C 61 -7.44 -27.19 -4.81
N ILE C 62 -6.85 -28.01 -3.95
CA ILE C 62 -7.60 -28.80 -2.98
C ILE C 62 -8.22 -27.90 -1.92
N THR C 63 -7.44 -26.92 -1.47
CA THR C 63 -7.96 -25.87 -0.58
C THR C 63 -9.13 -25.09 -1.19
N ILE C 64 -9.01 -24.66 -2.44
CA ILE C 64 -10.13 -23.95 -3.08
C ILE C 64 -11.39 -24.82 -3.05
N MET C 65 -11.30 -26.04 -3.57
CA MET C 65 -12.43 -27.00 -3.52
C MET C 65 -12.96 -27.23 -2.14
N GLY C 66 -12.09 -27.21 -1.12
CA GLY C 66 -12.54 -27.27 0.28
C GLY C 66 -13.44 -26.12 0.64
N GLY C 67 -13.02 -24.92 0.27
CA GLY C 67 -13.87 -23.74 0.36
C GLY C 67 -15.13 -23.91 -0.46
N VAL C 68 -15.01 -24.52 -1.65
CA VAL C 68 -16.20 -24.73 -2.50
C VAL C 68 -17.20 -25.68 -1.78
N TYR C 69 -16.72 -26.83 -1.35
CA TYR C 69 -17.55 -27.79 -0.59
C TYR C 69 -18.16 -27.19 0.71
N ASP C 70 -17.43 -26.28 1.33
CA ASP C 70 -17.97 -25.51 2.47
C ASP C 70 -19.08 -24.55 2.05
N ALA C 71 -18.96 -23.93 0.86
CA ALA C 71 -20.03 -23.04 0.41
C ALA C 71 -21.33 -23.83 0.14
N VAL C 72 -21.22 -25.06 -0.37
CA VAL C 72 -22.38 -25.94 -0.65
C VAL C 72 -23.14 -26.25 0.61
N GLY C 73 -22.40 -26.58 1.67
CA GLY C 73 -22.96 -26.79 2.99
C GLY C 73 -23.71 -25.61 3.54
N LYS C 74 -23.32 -24.40 3.15
CA LYS C 74 -24.02 -23.21 3.59
C LYS C 74 -24.67 -22.42 2.45
N ILE C 75 -25.20 -23.18 1.50
CA ILE C 75 -25.81 -22.66 0.28
C ILE C 75 -27.06 -21.77 0.47
N ASP C 76 -27.70 -21.83 1.64
CA ASP C 76 -28.85 -20.96 2.03
C ASP C 76 -28.49 -19.57 2.63
N ASP C 77 -27.25 -19.37 3.05
CA ASP C 77 -26.76 -18.03 3.41
C ASP C 77 -25.26 -17.90 3.10
N LEU C 78 -24.95 -17.65 1.84
CA LEU C 78 -23.59 -17.53 1.41
C LEU C 78 -22.97 -16.18 1.81
N LYS C 79 -23.72 -15.09 1.69
CA LYS C 79 -23.21 -13.76 2.01
C LYS C 79 -22.72 -13.75 3.46
N GLY C 80 -23.61 -14.12 4.37
CA GLY C 80 -23.28 -14.15 5.80
C GLY C 80 -22.24 -15.19 6.23
N GLY C 81 -22.11 -16.28 5.48
CA GLY C 81 -21.28 -17.45 5.87
C GLY C 81 -19.85 -17.50 5.35
N LEU C 82 -19.50 -16.61 4.44
CA LEU C 82 -18.16 -16.60 3.83
C LEU C 82 -17.49 -15.25 3.99
N LEU C 83 -17.74 -14.63 5.13
CA LEU C 83 -17.38 -13.23 5.37
C LEU C 83 -15.90 -13.12 5.59
N SER C 84 -15.34 -14.15 6.21
CA SER C 84 -13.91 -14.20 6.46
C SER C 84 -13.12 -14.35 5.14
N LEU C 85 -13.60 -15.24 4.27
CA LEU C 85 -12.97 -15.45 2.98
C LEU C 85 -13.06 -14.24 2.07
N SER C 86 -14.17 -13.51 2.13
CA SER C 86 -14.33 -12.27 1.38
C SER C 86 -13.32 -11.27 1.88
N GLU C 87 -13.22 -11.12 3.22
CA GLU C 87 -12.23 -10.17 3.80
C GLU C 87 -10.91 -10.43 3.20
N LEU C 88 -10.53 -11.69 3.12
CA LEU C 88 -9.21 -12.05 2.56
C LEU C 88 -9.05 -11.78 1.07
N HIS C 89 -10.01 -12.21 0.27
CA HIS C 89 -9.94 -12.06 -1.19
C HIS C 89 -10.21 -10.64 -1.71
N ALA C 90 -11.23 -9.99 -1.15
CA ALA C 90 -11.73 -8.72 -1.66
C ALA C 90 -11.06 -7.57 -0.99
N PHE C 91 -10.87 -7.70 0.33
CA PHE C 91 -10.25 -6.61 1.08
C PHE C 91 -8.73 -6.74 1.19
N MET C 92 -8.22 -7.91 1.65
CA MET C 92 -6.76 -8.10 1.86
C MET C 92 -6.05 -8.14 0.53
N LEU C 93 -6.35 -9.14 -0.29
CA LEU C 93 -5.62 -9.35 -1.55
C LEU C 93 -6.10 -8.47 -2.71
N ARG C 94 -7.29 -7.89 -2.58
N ARG C 94 -7.29 -7.89 -2.58
CA ARG C 94 -7.89 -7.06 -3.62
CA ARG C 94 -7.85 -7.05 -3.63
C ARG C 94 -7.78 -7.77 -4.96
C ARG C 94 -7.78 -7.77 -4.97
N VAL C 95 -8.29 -9.00 -4.98
CA VAL C 95 -8.32 -9.81 -6.16
C VAL C 95 -9.35 -9.19 -7.06
N ASP C 96 -8.98 -9.02 -8.32
CA ASP C 96 -9.82 -8.32 -9.25
C ASP C 96 -11.07 -9.19 -9.46
N PRO C 97 -12.25 -8.56 -9.41
CA PRO C 97 -13.49 -9.36 -9.46
C PRO C 97 -13.62 -10.28 -10.68
N VAL C 98 -13.05 -9.86 -11.80
CA VAL C 98 -13.14 -10.62 -13.05
C VAL C 98 -12.44 -11.99 -12.98
N ASN C 99 -11.45 -12.14 -12.11
CA ASN C 99 -10.80 -13.44 -11.97
C ASN C 99 -11.72 -14.59 -11.49
N PHE C 100 -12.82 -14.25 -10.78
CA PHE C 100 -13.81 -15.27 -10.30
C PHE C 100 -14.60 -15.92 -11.43
N LYS C 101 -15.04 -15.15 -12.42
CA LYS C 101 -15.73 -15.71 -13.59
C LYS C 101 -14.82 -16.65 -14.39
N LEU C 102 -13.53 -16.37 -14.38
CA LEU C 102 -12.53 -17.18 -15.11
C LEU C 102 -12.27 -18.48 -14.35
N LEU C 103 -12.05 -18.39 -13.03
CA LEU C 103 -11.91 -19.59 -12.20
C LEU C 103 -13.15 -20.46 -12.31
N ALA C 104 -14.31 -19.83 -12.36
CA ALA C 104 -15.56 -20.62 -12.38
C ALA C 104 -15.66 -21.42 -13.67
N HIS C 105 -15.34 -20.76 -14.77
CA HIS C 105 -15.35 -21.35 -16.10
C HIS C 105 -14.48 -22.58 -16.10
N CYS C 106 -13.24 -22.42 -15.67
CA CYS C 106 -12.30 -23.52 -15.49
C CYS C 106 -12.87 -24.70 -14.71
N MET C 107 -13.49 -24.42 -13.55
CA MET C 107 -14.08 -25.47 -12.73
C MET C 107 -15.19 -26.16 -13.51
N LEU C 108 -15.99 -25.37 -14.21
CA LEU C 108 -17.00 -25.91 -15.10
C LEU C 108 -16.49 -26.84 -16.21
N VAL C 109 -15.38 -26.52 -16.86
CA VAL C 109 -14.82 -27.43 -17.89
C VAL C 109 -14.23 -28.73 -17.31
N CYS C 110 -13.60 -28.66 -16.13
CA CYS C 110 -13.16 -29.87 -15.40
C CYS C 110 -14.27 -30.79 -14.95
N MET C 111 -15.38 -30.19 -14.49
CA MET C 111 -16.55 -30.96 -14.10
C MET C 111 -17.12 -31.66 -15.30
N SER C 112 -17.25 -30.93 -16.39
CA SER C 112 -17.71 -31.53 -17.65
C SER C 112 -16.73 -32.57 -18.21
N MET C 113 -15.45 -32.28 -18.07
CA MET C 113 -14.37 -33.18 -18.50
C MET C 113 -14.42 -34.53 -17.81
N ILE C 114 -14.68 -34.52 -16.50
CA ILE C 114 -14.62 -35.71 -15.64
C ILE C 114 -15.99 -36.38 -15.46
N PHE C 115 -17.08 -35.61 -15.46
CA PHE C 115 -18.44 -36.14 -15.35
C PHE C 115 -19.30 -35.71 -16.56
N PRO C 116 -18.88 -36.11 -17.77
CA PRO C 116 -19.60 -35.64 -18.97
C PRO C 116 -21.10 -36.07 -19.08
N GLU C 117 -21.43 -37.31 -18.77
CA GLU C 117 -22.84 -37.76 -18.88
C GLU C 117 -23.71 -37.06 -17.83
N GLU C 118 -23.15 -36.77 -16.66
CA GLU C 118 -23.89 -36.14 -15.56
C GLU C 118 -24.03 -34.64 -15.73
N PHE C 119 -23.05 -33.99 -16.34
CA PHE C 119 -23.07 -32.54 -16.44
C PHE C 119 -23.98 -32.05 -17.61
N THR C 120 -25.29 -32.23 -17.43
CA THR C 120 -26.32 -31.82 -18.40
C THR C 120 -26.53 -30.29 -18.41
N PRO C 121 -27.27 -29.74 -19.40
CA PRO C 121 -27.50 -28.29 -19.34
C PRO C 121 -28.12 -27.82 -18.01
N GLN C 122 -29.00 -28.64 -17.45
CA GLN C 122 -29.69 -28.34 -16.21
C GLN C 122 -28.72 -28.31 -15.02
N VAL C 123 -27.82 -29.27 -14.91
CA VAL C 123 -26.82 -29.23 -13.83
C VAL C 123 -25.89 -28.00 -13.99
N HIS C 124 -25.55 -27.71 -15.24
CA HIS C 124 -24.68 -26.62 -15.64
C HIS C 124 -25.22 -25.30 -15.13
N VAL C 125 -26.52 -25.04 -15.42
CA VAL C 125 -27.27 -23.87 -14.89
C VAL C 125 -27.25 -23.74 -13.35
N ALA C 126 -27.67 -24.77 -12.64
CA ALA C 126 -27.63 -24.75 -11.19
C ALA C 126 -26.22 -24.44 -10.66
N VAL C 127 -25.19 -25.07 -11.24
CA VAL C 127 -23.81 -24.91 -10.73
C VAL C 127 -23.21 -23.55 -11.09
N ASP C 128 -23.40 -23.17 -12.35
CA ASP C 128 -23.05 -21.85 -12.83
C ASP C 128 -23.56 -20.78 -11.83
N LYS C 129 -24.87 -20.84 -11.54
CA LYS C 129 -25.53 -19.95 -10.63
C LYS C 129 -24.94 -19.99 -9.23
N PHE C 130 -24.56 -21.19 -8.80
CA PHE C 130 -23.92 -21.39 -7.52
C PHE C 130 -22.59 -20.67 -7.48
N LEU C 131 -21.77 -20.88 -8.52
CA LEU C 131 -20.44 -20.30 -8.54
C LEU C 131 -20.46 -18.77 -8.56
N ALA C 132 -21.33 -18.19 -9.37
CA ALA C 132 -21.61 -16.74 -9.34
C ALA C 132 -22.04 -16.24 -7.95
N GLN C 133 -23.00 -16.92 -7.33
CA GLN C 133 -23.41 -16.56 -5.95
C GLN C 133 -22.24 -16.62 -4.93
N LEU C 134 -21.39 -17.61 -5.07
CA LEU C 134 -20.21 -17.74 -4.26
C LEU C 134 -19.22 -16.60 -4.54
N ALA C 135 -18.95 -16.33 -5.82
CA ALA C 135 -18.18 -15.14 -6.22
C ALA C 135 -18.71 -13.87 -5.56
N LEU C 136 -20.03 -13.73 -5.53
CA LEU C 136 -20.67 -12.55 -4.94
C LEU C 136 -20.64 -12.55 -3.38
N ALA C 137 -20.61 -13.72 -2.76
CA ALA C 137 -20.40 -13.74 -1.32
C ALA C 137 -18.98 -13.27 -1.00
N LEU C 138 -18.00 -13.62 -1.86
CA LEU C 138 -16.61 -13.22 -1.73
C LEU C 138 -16.40 -11.74 -2.01
N ALA C 139 -17.34 -11.16 -2.75
CA ALA C 139 -17.30 -9.79 -3.18
C ALA C 139 -17.84 -8.83 -2.15
N GLU C 140 -18.47 -9.36 -1.11
CA GLU C 140 -19.00 -8.52 -0.02
C GLU C 140 -18.08 -7.43 0.62
N LYS C 141 -16.77 -7.61 0.65
CA LYS C 141 -15.89 -6.68 1.36
C LYS C 141 -15.02 -5.83 0.44
N TYR C 142 -15.39 -5.76 -0.82
CA TYR C 142 -14.61 -4.94 -1.74
C TYR C 142 -14.62 -3.45 -1.36
N ARG C 143 -15.77 -2.94 -0.93
CA ARG C 143 -15.97 -1.50 -0.83
C ARG C 143 -17.12 -1.04 0.06
N VAL D 1 -2.08 -11.66 -31.77
CA VAL D 1 -0.76 -12.09 -31.20
C VAL D 1 0.04 -12.88 -32.22
N GLU D 2 1.29 -13.19 -31.85
CA GLU D 2 2.14 -14.12 -32.61
C GLU D 2 1.92 -15.57 -32.12
N TRP D 3 1.46 -16.41 -33.03
CA TRP D 3 1.29 -17.84 -32.73
C TRP D 3 2.62 -18.57 -32.54
N THR D 4 2.71 -19.36 -31.46
CA THR D 4 3.72 -20.39 -31.37
C THR D 4 3.21 -21.54 -32.21
N ASP D 5 4.13 -22.41 -32.52
CA ASP D 5 3.86 -23.41 -33.50
C ASP D 5 3.26 -24.66 -32.84
N SER D 6 3.41 -24.85 -31.51
CA SER D 6 2.53 -25.83 -30.84
C SER D 6 1.12 -25.28 -30.49
N GLU D 7 1.01 -23.94 -30.36
CA GLU D 7 -0.32 -23.32 -30.28
C GLU D 7 -1.18 -23.74 -31.50
N ARG D 8 -0.61 -23.73 -32.71
CA ARG D 8 -1.36 -24.16 -33.91
C ARG D 8 -1.71 -25.65 -33.91
N ALA D 9 -0.71 -26.48 -33.59
CA ALA D 9 -0.88 -27.94 -33.53
C ALA D 9 -1.98 -28.31 -32.52
N ILE D 10 -1.96 -27.63 -31.38
CA ILE D 10 -2.94 -27.84 -30.33
C ILE D 10 -4.36 -27.37 -30.77
N ILE D 11 -4.46 -26.24 -31.44
CA ILE D 11 -5.75 -25.80 -32.00
C ILE D 11 -6.36 -26.75 -33.06
N THR D 12 -5.55 -27.23 -34.01
CA THR D 12 -6.07 -28.14 -35.05
C THR D 12 -6.43 -29.51 -34.48
N SER D 13 -5.73 -29.87 -33.41
CA SER D 13 -6.01 -31.06 -32.63
C SER D 13 -7.42 -31.01 -32.02
N ILE D 14 -7.75 -29.86 -31.47
CA ILE D 14 -9.05 -29.68 -30.88
C ILE D 14 -10.09 -29.69 -31.99
N PHE D 15 -9.91 -28.80 -32.97
CA PHE D 15 -10.83 -28.76 -34.08
C PHE D 15 -11.00 -30.13 -34.77
N SER D 16 -9.99 -30.99 -34.73
CA SER D 16 -10.10 -32.34 -35.32
C SER D 16 -10.98 -33.31 -34.51
N ASN D 17 -11.33 -32.96 -33.27
CA ASN D 17 -12.30 -33.74 -32.45
C ASN D 17 -13.73 -33.16 -32.46
N LEU D 18 -13.97 -32.09 -33.22
CA LEU D 18 -15.29 -31.47 -33.33
C LEU D 18 -16.03 -31.83 -34.61
N ASP D 19 -17.07 -32.65 -34.49
CA ASP D 19 -17.99 -32.90 -35.59
C ASP D 19 -19.01 -31.78 -35.50
N TYR D 20 -19.01 -30.86 -36.46
CA TYR D 20 -19.80 -29.65 -36.29
C TYR D 20 -21.29 -29.99 -36.31
N GLU D 21 -21.70 -31.04 -37.03
CA GLU D 21 -23.12 -31.45 -37.06
C GLU D 21 -23.67 -31.82 -35.65
N GLU D 22 -22.82 -32.34 -34.75
CA GLU D 22 -23.22 -32.74 -33.36
C GLU D 22 -22.90 -31.63 -32.33
N ILE D 23 -21.67 -31.12 -32.39
CA ILE D 23 -21.14 -30.10 -31.47
C ILE D 23 -21.81 -28.73 -31.65
N GLY D 24 -21.97 -28.30 -32.90
CA GLY D 24 -22.61 -27.01 -33.23
C GLY D 24 -23.95 -26.92 -32.57
N ARG D 25 -24.86 -27.84 -32.94
CA ARG D 25 -26.16 -27.96 -32.26
C ARG D 25 -26.06 -27.92 -30.72
N LYS D 26 -25.17 -28.69 -30.11
CA LYS D 26 -25.13 -28.72 -28.61
C LYS D 26 -24.54 -27.53 -27.90
N SER D 27 -23.54 -26.89 -28.50
CA SER D 27 -23.00 -25.65 -27.96
C SER D 27 -24.03 -24.54 -27.88
N LEU D 28 -24.79 -24.37 -28.93
CA LEU D 28 -25.89 -23.39 -28.93
C LEU D 28 -27.07 -23.84 -28.07
N CYS D 29 -27.54 -25.08 -28.20
CA CYS D 29 -28.59 -25.63 -27.31
C CYS D 29 -28.24 -25.14 -25.88
N ARG D 30 -26.99 -25.35 -25.49
CA ARG D 30 -26.56 -25.17 -24.13
C ARG D 30 -26.48 -23.71 -23.71
N CYS D 31 -26.06 -22.83 -24.62
CA CYS D 31 -26.04 -21.39 -24.35
C CYS D 31 -27.46 -20.83 -24.19
N LEU D 32 -28.38 -21.30 -25.01
CA LEU D 32 -29.76 -20.81 -24.93
C LEU D 32 -30.37 -21.21 -23.59
N ILE D 33 -30.05 -22.39 -23.08
CA ILE D 33 -30.60 -22.86 -21.75
C ILE D 33 -29.85 -22.24 -20.55
N VAL D 34 -28.54 -22.08 -20.65
CA VAL D 34 -27.79 -21.64 -19.52
C VAL D 34 -27.84 -20.12 -19.40
N TYR D 35 -27.84 -19.45 -20.53
CA TYR D 35 -27.92 -18.00 -20.60
C TYR D 35 -29.15 -17.57 -21.43
N PRO D 36 -30.36 -17.71 -20.86
CA PRO D 36 -31.62 -17.65 -21.58
C PRO D 36 -32.01 -16.34 -22.16
N TRP D 37 -31.45 -15.25 -21.66
CA TRP D 37 -31.63 -13.95 -22.32
C TRP D 37 -31.04 -13.92 -23.72
N THR D 38 -30.08 -14.80 -24.01
CA THR D 38 -29.57 -14.92 -25.39
C THR D 38 -30.64 -15.35 -26.41
N GLN D 39 -31.75 -15.92 -25.95
CA GLN D 39 -32.89 -16.31 -26.81
C GLN D 39 -33.55 -15.15 -27.58
N ARG D 40 -33.57 -13.97 -26.95
CA ARG D 40 -34.14 -12.78 -27.53
C ARG D 40 -33.52 -12.38 -28.88
N TYR D 41 -32.21 -12.57 -29.01
CA TYR D 41 -31.48 -12.25 -30.22
C TYR D 41 -31.86 -13.10 -31.43
N PHE D 42 -32.49 -14.25 -31.18
CA PHE D 42 -32.93 -15.21 -32.19
C PHE D 42 -34.45 -15.29 -32.25
N GLY D 43 -35.07 -14.13 -32.49
CA GLY D 43 -36.52 -14.02 -32.63
C GLY D 43 -37.10 -14.86 -33.75
N ALA D 44 -36.39 -14.93 -34.87
CA ALA D 44 -36.80 -15.75 -36.00
C ALA D 44 -37.03 -17.25 -35.70
N PHE D 45 -36.26 -17.83 -34.76
CA PHE D 45 -36.22 -19.31 -34.58
C PHE D 45 -37.50 -20.00 -34.07
N GLY D 46 -38.47 -19.26 -33.54
CA GLY D 46 -39.73 -19.85 -33.08
C GLY D 46 -39.63 -20.28 -31.63
N ASN D 47 -40.24 -21.42 -31.28
CA ASN D 47 -40.31 -21.89 -29.90
C ASN D 47 -38.94 -22.16 -29.25
N LEU D 48 -38.62 -21.33 -28.25
CA LEU D 48 -37.52 -21.55 -27.30
C LEU D 48 -38.10 -21.63 -25.90
N TYR D 49 -39.34 -22.11 -25.79
CA TYR D 49 -40.15 -22.04 -24.55
C TYR D 49 -39.51 -22.79 -23.40
N ASN D 50 -38.80 -23.87 -23.70
CA ASN D 50 -38.16 -24.65 -22.64
C ASN D 50 -37.03 -25.43 -23.19
N ALA D 51 -36.33 -26.18 -22.32
CA ALA D 51 -35.17 -26.94 -22.73
C ALA D 51 -35.61 -27.94 -23.81
N GLU D 52 -36.68 -28.70 -23.58
CA GLU D 52 -37.27 -29.64 -24.62
C GLU D 52 -37.50 -29.01 -26.00
N THR D 53 -38.12 -27.82 -26.02
CA THR D 53 -38.21 -26.98 -27.21
C THR D 53 -36.82 -26.56 -27.76
N ILE D 54 -35.86 -26.12 -26.91
CA ILE D 54 -34.52 -25.68 -27.41
C ILE D 54 -33.92 -26.83 -28.22
N LEU D 55 -33.86 -28.01 -27.59
CA LEU D 55 -33.15 -29.18 -28.14
C LEU D 55 -33.86 -29.86 -29.35
N ALA D 56 -35.16 -29.69 -29.45
CA ALA D 56 -35.94 -30.27 -30.55
C ALA D 56 -36.16 -29.33 -31.73
N ASN D 57 -35.55 -28.14 -31.71
CA ASN D 57 -35.94 -27.02 -32.58
C ASN D 57 -34.95 -27.04 -33.73
N PRO D 58 -35.44 -27.37 -34.96
CA PRO D 58 -34.52 -27.50 -36.11
C PRO D 58 -33.73 -26.24 -36.45
N LEU D 59 -34.29 -25.05 -36.22
CA LEU D 59 -33.59 -23.79 -36.52
C LEU D 59 -32.40 -23.54 -35.56
N ILE D 60 -32.50 -24.01 -34.32
CA ILE D 60 -31.38 -23.92 -33.37
C ILE D 60 -30.23 -24.80 -33.83
N ALA D 61 -30.54 -26.03 -34.22
CA ALA D 61 -29.47 -26.96 -34.61
C ALA D 61 -28.73 -26.39 -35.81
N ALA D 62 -29.50 -26.04 -36.85
CA ALA D 62 -28.94 -25.55 -38.08
C ALA D 62 -28.09 -24.32 -37.81
N HIS D 63 -28.57 -23.39 -37.00
CA HIS D 63 -27.73 -22.23 -36.70
C HIS D 63 -26.46 -22.58 -35.89
N GLY D 64 -26.58 -23.51 -34.96
CA GLY D 64 -25.40 -23.96 -34.19
C GLY D 64 -24.26 -24.28 -35.13
N THR D 65 -24.55 -25.12 -36.13
CA THR D 65 -23.61 -25.44 -37.21
C THR D 65 -23.13 -24.20 -37.99
N LYS D 66 -23.97 -23.24 -38.39
CA LYS D 66 -23.45 -22.02 -39.08
C LYS D 66 -22.44 -21.33 -38.16
N ILE D 67 -22.89 -20.97 -36.98
CA ILE D 67 -22.04 -20.32 -36.00
C ILE D 67 -20.73 -21.09 -35.78
N LEU D 68 -20.81 -22.38 -35.48
CA LEU D 68 -19.58 -23.16 -35.24
C LEU D 68 -18.71 -23.24 -36.49
N HIS D 69 -19.32 -23.24 -37.67
CA HIS D 69 -18.55 -23.21 -38.93
C HIS D 69 -17.84 -21.89 -39.05
N GLY D 70 -18.48 -20.83 -38.64
CA GLY D 70 -17.87 -19.52 -38.70
C GLY D 70 -16.66 -19.44 -37.79
N LEU D 71 -16.82 -19.97 -36.57
CA LEU D 71 -15.74 -20.01 -35.56
C LEU D 71 -14.50 -20.73 -36.09
N ASP D 72 -14.72 -21.81 -36.85
CA ASP D 72 -13.67 -22.68 -37.44
C ASP D 72 -12.87 -22.10 -38.64
N ARG D 73 -13.30 -20.95 -39.15
CA ARG D 73 -12.72 -20.33 -40.34
C ARG D 73 -11.32 -19.71 -40.10
N ALA D 74 -11.10 -19.11 -38.94
CA ALA D 74 -9.77 -18.56 -38.56
C ALA D 74 -8.61 -19.60 -38.57
N LEU D 75 -8.92 -20.85 -38.28
CA LEU D 75 -7.97 -21.94 -38.45
C LEU D 75 -7.27 -21.89 -39.83
N LYS D 76 -8.02 -21.50 -40.87
CA LYS D 76 -7.46 -21.39 -42.22
C LYS D 76 -6.93 -20.00 -42.55
N ASN D 77 -7.11 -19.01 -41.65
CA ASN D 77 -6.74 -17.62 -41.95
C ASN D 77 -6.18 -16.98 -40.66
N MET D 78 -5.33 -17.73 -39.99
CA MET D 78 -4.89 -17.45 -38.62
C MET D 78 -4.02 -16.21 -38.32
N ASP D 79 -3.36 -15.64 -39.32
CA ASP D 79 -2.63 -14.36 -39.09
C ASP D 79 -3.45 -13.18 -39.61
N ASP D 80 -4.67 -13.45 -40.12
CA ASP D 80 -5.64 -12.45 -40.60
C ASP D 80 -7.00 -12.60 -39.88
N ILE D 81 -7.00 -12.90 -38.59
CA ILE D 81 -8.27 -13.20 -37.90
C ILE D 81 -9.24 -12.02 -37.99
N LYS D 82 -8.73 -10.82 -37.67
CA LYS D 82 -9.47 -9.57 -37.79
C LYS D 82 -10.20 -9.38 -39.12
N ASN D 83 -9.48 -9.33 -40.23
CA ASN D 83 -10.16 -9.15 -41.52
C ASN D 83 -11.05 -10.34 -41.90
N THR D 84 -10.68 -11.56 -41.47
CA THR D 84 -11.56 -12.72 -41.65
C THR D 84 -12.98 -12.49 -41.04
N TYR D 85 -13.06 -11.78 -39.91
CA TYR D 85 -14.34 -11.58 -39.19
C TYR D 85 -14.94 -10.13 -39.22
N ALA D 86 -14.38 -9.28 -40.08
CA ALA D 86 -14.73 -7.86 -40.13
C ALA D 86 -16.22 -7.61 -40.55
N GLU D 87 -16.70 -8.35 -41.53
CA GLU D 87 -18.15 -8.41 -41.88
C GLU D 87 -19.03 -8.96 -40.77
N LEU D 88 -18.56 -10.01 -40.05
CA LEU D 88 -19.35 -10.64 -38.97
C LEU D 88 -19.41 -9.67 -37.80
N SER D 89 -18.27 -9.01 -37.54
CA SER D 89 -18.23 -7.90 -36.60
C SER D 89 -19.33 -6.91 -36.87
N LEU D 90 -19.39 -6.40 -38.11
CA LEU D 90 -20.42 -5.41 -38.47
C LEU D 90 -21.81 -6.03 -38.32
N LEU D 91 -21.97 -7.28 -38.66
CA LEU D 91 -23.29 -7.90 -38.49
C LEU D 91 -23.68 -7.99 -37.01
N HIS D 92 -22.79 -8.51 -36.16
CA HIS D 92 -23.16 -8.72 -34.74
C HIS D 92 -23.11 -7.43 -33.99
N SER D 93 -22.01 -6.68 -34.12
CA SER D 93 -21.77 -5.51 -33.27
C SER D 93 -22.34 -4.19 -33.81
N ASP D 94 -22.36 -3.99 -35.13
CA ASP D 94 -22.91 -2.75 -35.72
C ASP D 94 -24.45 -2.84 -36.02
N LYS D 95 -24.93 -3.99 -36.47
CA LYS D 95 -26.32 -4.12 -36.94
C LYS D 95 -27.26 -4.70 -35.86
N LEU D 96 -26.98 -5.93 -35.45
CA LEU D 96 -27.82 -6.62 -34.47
C LEU D 96 -27.55 -6.20 -33.02
N HIS D 97 -26.44 -5.49 -32.78
CA HIS D 97 -26.04 -5.00 -31.44
C HIS D 97 -26.02 -6.09 -30.39
N VAL D 98 -25.35 -7.19 -30.70
CA VAL D 98 -25.11 -8.24 -29.71
C VAL D 98 -24.08 -7.69 -28.76
N ASP D 99 -24.36 -7.67 -27.47
CA ASP D 99 -23.34 -7.26 -26.50
C ASP D 99 -22.17 -8.23 -26.64
N PRO D 100 -20.95 -7.69 -26.58
CA PRO D 100 -19.83 -8.58 -26.82
C PRO D 100 -19.71 -9.70 -25.79
N ASP D 101 -20.14 -9.45 -24.55
CA ASP D 101 -20.09 -10.51 -23.52
C ASP D 101 -20.84 -11.82 -23.92
N ASN D 102 -21.83 -11.76 -24.81
CA ASN D 102 -22.51 -12.97 -25.27
C ASN D 102 -21.62 -13.85 -26.11
N PHE D 103 -20.60 -13.26 -26.76
CA PHE D 103 -19.63 -14.05 -27.55
C PHE D 103 -18.84 -14.98 -26.62
N ARG D 104 -18.33 -14.42 -25.52
CA ARG D 104 -17.71 -15.18 -24.41
C ARG D 104 -18.66 -16.32 -23.92
N LEU D 105 -19.95 -16.05 -23.74
CA LEU D 105 -20.87 -17.08 -23.26
C LEU D 105 -20.96 -18.30 -24.22
N LEU D 106 -21.26 -18.07 -25.51
CA LEU D 106 -21.36 -19.19 -26.46
C LEU D 106 -20.08 -19.99 -26.44
N ALA D 107 -18.96 -19.29 -26.41
CA ALA D 107 -17.65 -19.90 -26.55
C ALA D 107 -17.30 -20.69 -25.30
N ASP D 108 -17.60 -20.13 -24.13
CA ASP D 108 -17.47 -20.86 -22.87
C ASP D 108 -18.33 -22.16 -22.89
N CYS D 109 -19.53 -22.10 -23.43
CA CYS D 109 -20.39 -23.28 -23.52
C CYS D 109 -19.82 -24.31 -24.47
N LEU D 110 -19.23 -23.81 -25.56
CA LEU D 110 -18.54 -24.67 -26.54
C LEU D 110 -17.36 -25.45 -25.93
N THR D 111 -16.41 -24.73 -25.37
CA THR D 111 -15.33 -25.35 -24.62
C THR D 111 -15.83 -26.42 -23.63
N VAL D 112 -16.93 -26.16 -22.93
CA VAL D 112 -17.49 -27.11 -21.94
C VAL D 112 -18.04 -28.36 -22.66
N VAL D 113 -18.66 -28.19 -23.82
CA VAL D 113 -19.07 -29.35 -24.63
C VAL D 113 -17.85 -30.14 -25.15
N ILE D 114 -16.77 -29.43 -25.46
CA ILE D 114 -15.53 -30.05 -25.94
C ILE D 114 -14.84 -30.82 -24.85
N ALA D 115 -14.74 -30.23 -23.67
CA ALA D 115 -14.10 -30.90 -22.57
C ALA D 115 -14.82 -32.18 -22.23
N ALA D 116 -16.14 -32.20 -22.26
CA ALA D 116 -16.92 -33.45 -22.10
C ALA D 116 -16.54 -34.53 -23.06
N LYS D 117 -16.35 -34.15 -24.32
CA LYS D 117 -16.00 -35.10 -25.40
C LYS D 117 -14.57 -35.62 -25.44
N MET D 118 -13.61 -34.71 -25.30
CA MET D 118 -12.21 -35.06 -25.38
C MET D 118 -11.69 -35.71 -24.13
N GLY D 119 -12.30 -35.41 -22.98
CA GLY D 119 -11.78 -35.84 -21.67
C GLY D 119 -10.45 -35.17 -21.35
N SER D 120 -9.67 -35.79 -20.46
CA SER D 120 -8.30 -35.33 -20.13
C SER D 120 -7.36 -35.18 -21.33
N ALA D 121 -7.72 -35.75 -22.50
CA ALA D 121 -6.95 -35.52 -23.74
C ALA D 121 -6.79 -34.03 -23.94
N PHE D 122 -7.88 -33.30 -23.73
CA PHE D 122 -7.87 -31.84 -23.65
C PHE D 122 -7.03 -31.27 -22.52
N THR D 123 -5.74 -31.13 -22.73
CA THR D 123 -4.89 -30.67 -21.63
C THR D 123 -4.94 -29.19 -21.36
N VAL D 124 -4.19 -28.81 -20.34
CA VAL D 124 -4.24 -27.47 -19.80
C VAL D 124 -3.59 -26.50 -20.83
N ASP D 125 -2.46 -26.89 -21.42
CA ASP D 125 -1.82 -26.12 -22.50
C ASP D 125 -2.59 -26.17 -23.87
N THR D 126 -3.37 -27.24 -24.09
CA THR D 126 -4.21 -27.40 -25.28
C THR D 126 -5.32 -26.37 -25.13
N GLN D 127 -5.96 -26.37 -23.96
CA GLN D 127 -7.00 -25.42 -23.63
C GLN D 127 -6.52 -23.97 -23.66
N VAL D 128 -5.28 -23.72 -23.22
CA VAL D 128 -4.76 -22.33 -23.27
C VAL D 128 -4.67 -21.83 -24.66
N ALA D 129 -4.22 -22.70 -25.55
CA ALA D 129 -4.08 -22.31 -26.95
C ALA D 129 -5.47 -22.09 -27.54
N TRP D 130 -6.37 -23.02 -27.20
CA TRP D 130 -7.77 -22.98 -27.63
C TRP D 130 -8.39 -21.64 -27.25
N GLN D 131 -8.13 -21.21 -26.01
CA GLN D 131 -8.72 -19.99 -25.48
C GLN D 131 -8.11 -18.76 -26.12
N LYS D 132 -6.80 -18.79 -26.39
CA LYS D 132 -6.13 -17.77 -27.22
C LYS D 132 -6.78 -17.62 -28.61
N PHE D 133 -7.19 -18.73 -29.24
CA PHE D 133 -7.95 -18.73 -30.52
C PHE D 133 -9.38 -18.16 -30.38
N LEU D 134 -10.08 -18.51 -29.31
CA LEU D 134 -11.39 -17.94 -29.02
C LEU D 134 -11.30 -16.45 -28.68
N SER D 135 -10.32 -16.03 -27.87
CA SER D 135 -10.20 -14.62 -27.49
C SER D 135 -9.85 -13.79 -28.73
N VAL D 136 -9.08 -14.33 -29.66
CA VAL D 136 -8.83 -13.61 -30.92
C VAL D 136 -10.09 -13.44 -31.82
N VAL D 137 -10.90 -14.48 -31.99
CA VAL D 137 -12.15 -14.39 -32.76
C VAL D 137 -13.15 -13.43 -32.14
N VAL D 138 -13.50 -13.65 -30.88
CA VAL D 138 -14.33 -12.73 -30.10
C VAL D 138 -13.87 -11.26 -30.19
N SER D 139 -12.58 -11.03 -29.99
CA SER D 139 -11.97 -9.72 -30.16
C SER D 139 -12.21 -9.13 -31.59
N ALA D 140 -12.08 -9.99 -32.60
CA ALA D 140 -12.45 -9.66 -33.98
C ALA D 140 -13.95 -9.40 -34.18
N LEU D 141 -14.83 -10.14 -33.50
CA LEU D 141 -16.29 -9.95 -33.61
C LEU D 141 -16.85 -8.65 -32.98
N GLY D 142 -16.16 -8.12 -31.98
CA GLY D 142 -16.55 -6.87 -31.31
C GLY D 142 -16.50 -5.70 -32.26
N ARG D 143 -17.05 -4.57 -31.82
CA ARG D 143 -17.04 -3.34 -32.58
C ARG D 143 -15.58 -2.96 -32.86
N GLN D 144 -15.22 -2.83 -34.14
CA GLN D 144 -13.82 -2.53 -34.55
C GLN D 144 -13.53 -1.02 -34.60
N TYR D 145 -12.52 -0.63 -33.83
CA TYR D 145 -12.17 0.77 -33.60
C TYR D 145 -10.87 1.11 -34.35
N SER E 2 1.83 10.94 21.48
CA SER E 2 0.72 11.17 22.49
C SER E 2 -0.36 10.09 22.49
N LEU E 3 -0.96 9.88 23.67
CA LEU E 3 -1.44 8.56 24.05
C LEU E 3 -2.79 8.05 23.55
N SER E 4 -3.79 8.89 23.36
CA SER E 4 -5.13 8.42 22.94
C SER E 4 -5.94 7.69 24.01
N SER E 5 -7.25 7.75 23.83
CA SER E 5 -8.19 7.01 24.65
C SER E 5 -7.94 5.49 24.57
N LYS E 6 -7.84 4.95 23.34
CA LYS E 6 -7.73 3.49 23.16
C LYS E 6 -6.45 2.89 23.77
N GLN E 7 -5.33 3.63 23.73
CA GLN E 7 -4.03 3.09 24.21
C GLN E 7 -3.84 3.21 25.71
N LYS E 8 -4.32 4.31 26.29
CA LYS E 8 -4.34 4.44 27.76
C LYS E 8 -5.08 3.28 28.38
N ALA E 9 -6.19 2.88 27.74
CA ALA E 9 -6.95 1.68 28.12
C ALA E 9 -6.12 0.40 28.08
N THR E 10 -5.40 0.20 26.98
CA THR E 10 -4.48 -0.95 26.84
C THR E 10 -3.40 -0.93 27.90
N VAL E 11 -2.82 0.24 28.17
CA VAL E 11 -1.78 0.38 29.19
C VAL E 11 -2.27 -0.02 30.59
N LYS E 12 -3.50 0.40 30.93
CA LYS E 12 -4.13 0.06 32.21
C LYS E 12 -4.47 -1.43 32.26
N ASP E 13 -5.21 -1.92 31.26
CA ASP E 13 -5.59 -3.35 31.14
C ASP E 13 -4.41 -4.32 31.14
N PHE E 14 -3.22 -3.80 30.80
CA PHE E 14 -1.99 -4.57 30.81
C PHE E 14 -1.23 -4.48 32.15
N PHE E 15 -1.08 -3.27 32.69
CA PHE E 15 -0.38 -3.12 33.97
C PHE E 15 -1.16 -3.76 35.15
N SER E 16 -2.45 -4.02 34.98
CA SER E 16 -3.28 -4.77 35.95
C SER E 16 -2.85 -6.24 36.15
N LYS E 17 -2.37 -6.88 35.08
CA LYS E 17 -1.85 -8.26 35.17
C LYS E 17 -0.39 -8.36 35.68
N MET E 18 0.22 -7.25 36.15
CA MET E 18 1.65 -7.25 36.60
C MET E 18 2.06 -6.42 37.84
N SER E 19 1.10 -5.90 38.61
CA SER E 19 1.42 -5.23 39.89
C SER E 19 1.75 -6.28 40.96
N THR E 20 1.07 -7.43 40.91
CA THR E 20 1.36 -8.58 41.77
C THR E 20 2.76 -9.21 41.49
N ARG E 21 3.28 -9.01 40.28
CA ARG E 21 4.59 -9.52 39.88
C ARG E 21 5.73 -8.44 39.81
N SER E 22 5.46 -7.22 40.30
CA SER E 22 6.40 -6.07 40.16
C SER E 22 7.91 -6.37 40.33
N ASP E 23 8.31 -6.82 41.53
CA ASP E 23 9.74 -7.07 41.85
C ASP E 23 10.44 -8.15 40.98
N ASP E 24 9.67 -9.09 40.43
CA ASP E 24 10.22 -10.05 39.46
C ASP E 24 10.55 -9.31 38.15
N ILE E 25 9.51 -8.76 37.52
CA ILE E 25 9.61 -8.08 36.22
C ILE E 25 10.66 -6.95 36.21
N GLY E 26 10.71 -6.19 37.29
CA GLY E 26 11.64 -5.08 37.41
C GLY E 26 13.07 -5.51 37.60
N ALA E 27 13.29 -6.51 38.46
CA ALA E 27 14.64 -7.05 38.71
C ALA E 27 15.30 -7.63 37.44
N GLU E 28 14.53 -8.42 36.68
CA GLU E 28 15.07 -9.09 35.48
C GLU E 28 15.36 -8.08 34.37
N ALA E 29 14.39 -7.20 34.12
CA ALA E 29 14.53 -6.07 33.18
C ALA E 29 15.79 -5.25 33.43
N LEU E 30 16.08 -5.03 34.71
CA LEU E 30 17.30 -4.35 35.13
C LEU E 30 18.54 -5.20 34.87
N SER E 31 18.51 -6.47 35.27
CA SER E 31 19.65 -7.37 35.05
C SER E 31 20.00 -7.49 33.57
N ARG E 32 18.97 -7.62 32.74
CA ARG E 32 19.13 -7.64 31.29
C ARG E 32 19.79 -6.38 30.76
N LEU E 33 19.21 -5.21 31.04
CA LEU E 33 19.81 -3.92 30.67
C LEU E 33 21.29 -3.85 31.02
N VAL E 34 21.61 -4.06 32.29
CA VAL E 34 23.00 -3.98 32.74
C VAL E 34 23.91 -5.08 32.14
N ALA E 35 23.36 -6.27 31.83
CA ALA E 35 24.14 -7.33 31.13
C ALA E 35 24.31 -7.11 29.60
N VAL E 36 23.21 -6.82 28.92
CA VAL E 36 23.21 -6.68 27.46
C VAL E 36 23.79 -5.35 27.04
N TYR E 37 23.44 -4.29 27.75
CA TYR E 37 23.97 -2.97 27.45
C TYR E 37 24.77 -2.48 28.66
N PRO E 38 26.07 -2.80 28.70
CA PRO E 38 26.88 -2.42 29.87
C PRO E 38 27.36 -0.96 29.90
N GLN E 39 26.96 -0.12 28.94
CA GLN E 39 27.05 1.34 29.09
C GLN E 39 26.26 1.80 30.32
N THR E 40 25.15 1.13 30.61
CA THR E 40 24.33 1.50 31.76
C THR E 40 24.96 1.16 33.13
N LYS E 41 26.03 0.37 33.16
CA LYS E 41 26.68 0.03 34.44
C LYS E 41 27.21 1.30 35.19
N SER E 42 27.97 2.15 34.48
CA SER E 42 28.54 3.37 35.07
C SER E 42 27.62 4.08 36.08
N TYR E 43 26.33 4.16 35.77
CA TYR E 43 25.36 4.86 36.63
C TYR E 43 25.06 4.18 37.99
N PHE E 44 25.36 2.88 38.12
CA PHE E 44 25.09 2.14 39.35
C PHE E 44 26.36 1.58 40.01
N SER E 45 27.51 2.23 39.82
CA SER E 45 28.79 1.74 40.36
C SER E 45 28.85 1.64 41.91
N HIS E 46 27.84 2.18 42.60
CA HIS E 46 27.82 2.26 44.07
C HIS E 46 26.88 1.22 44.75
N TRP E 47 26.79 0.01 44.20
CA TRP E 47 25.82 -1.02 44.65
C TRP E 47 26.48 -2.30 45.21
N LYS E 48 27.45 -2.84 44.46
CA LYS E 48 28.20 -4.07 44.81
C LYS E 48 27.70 -5.35 44.11
N ASP E 49 27.07 -5.22 42.92
CA ASP E 49 26.34 -6.34 42.26
C ASP E 49 25.77 -6.00 40.86
N ALA E 50 25.17 -6.99 40.19
CA ALA E 50 24.58 -6.77 38.87
C ALA E 50 23.54 -7.81 38.46
N SER E 51 23.84 -9.09 38.68
CA SER E 51 22.97 -10.18 38.28
C SER E 51 21.78 -10.25 39.22
N PRO E 52 20.65 -10.85 38.78
CA PRO E 52 19.45 -10.89 39.64
C PRO E 52 19.67 -11.69 40.93
N GLY E 53 18.88 -11.38 41.96
CA GLY E 53 19.00 -11.99 43.29
C GLY E 53 19.59 -11.07 44.34
N SER E 54 20.58 -10.24 43.94
CA SER E 54 21.24 -9.30 44.86
C SER E 54 20.28 -8.22 45.35
N ALA E 55 20.65 -7.57 46.46
CA ALA E 55 19.72 -6.68 47.18
C ALA E 55 19.46 -5.31 46.51
N PRO E 56 20.53 -4.54 46.13
CA PRO E 56 20.32 -3.36 45.29
C PRO E 56 19.53 -3.57 43.98
N VAL E 57 19.85 -4.60 43.19
CA VAL E 57 19.19 -4.79 41.90
C VAL E 57 17.74 -5.26 42.06
N ARG E 58 17.49 -6.09 43.08
CA ARG E 58 16.13 -6.63 43.33
C ARG E 58 15.17 -5.62 43.99
N LYS E 59 15.71 -4.73 44.82
CA LYS E 59 14.90 -3.66 45.41
C LYS E 59 14.60 -2.61 44.33
N HIS E 60 15.63 -2.13 43.64
CA HIS E 60 15.48 -1.09 42.63
C HIS E 60 14.56 -1.48 41.46
N GLY E 61 14.53 -2.75 41.11
CA GLY E 61 13.57 -3.31 40.16
C GLY E 61 12.11 -3.07 40.53
N ILE E 62 11.77 -3.26 41.80
CA ILE E 62 10.42 -2.93 42.31
C ILE E 62 10.18 -1.41 42.31
N THR E 63 11.23 -0.61 42.58
CA THR E 63 11.09 0.87 42.61
C THR E 63 10.85 1.49 41.22
N ILE E 64 11.54 0.96 40.21
CA ILE E 64 11.29 1.34 38.81
C ILE E 64 9.84 1.01 38.43
N MET E 65 9.39 -0.21 38.75
CA MET E 65 8.02 -0.65 38.43
C MET E 65 6.92 -0.01 39.29
N GLY E 66 7.22 0.28 40.56
CA GLY E 66 6.39 1.13 41.38
C GLY E 66 6.21 2.47 40.68
N GLY E 67 7.31 3.10 40.26
CA GLY E 67 7.27 4.34 39.50
C GLY E 67 6.52 4.31 38.17
N VAL E 68 6.45 3.15 37.51
CA VAL E 68 5.73 3.02 36.24
C VAL E 68 4.20 3.03 36.45
N TYR E 69 3.70 2.31 37.45
CA TYR E 69 2.26 2.39 37.85
C TYR E 69 1.87 3.78 38.38
N ASP E 70 2.84 4.48 38.97
CA ASP E 70 2.69 5.89 39.33
C ASP E 70 2.56 6.74 38.05
N ALA E 71 3.41 6.45 37.06
CA ALA E 71 3.34 7.08 35.74
C ALA E 71 2.12 6.67 34.90
N VAL E 72 1.51 5.51 35.21
CA VAL E 72 0.16 5.17 34.72
C VAL E 72 -0.92 5.95 35.49
N GLY E 73 -0.72 6.14 36.80
CA GLY E 73 -1.58 6.99 37.63
C GLY E 73 -1.77 8.39 37.05
N LYS E 74 -0.71 8.94 36.47
CA LYS E 74 -0.68 10.25 35.82
C LYS E 74 -0.59 10.16 34.27
N ILE E 75 -1.27 9.19 33.67
CA ILE E 75 -1.13 8.88 32.22
C ILE E 75 -1.74 9.97 31.27
N ASP E 76 -2.53 10.89 31.81
CA ASP E 76 -3.10 12.00 31.02
C ASP E 76 -2.05 13.04 30.65
N ASP E 77 -1.33 13.52 31.66
CA ASP E 77 -0.29 14.55 31.49
C ASP E 77 0.96 14.06 32.25
N LEU E 78 2.02 13.78 31.50
CA LEU E 78 3.27 13.28 32.07
C LEU E 78 4.32 14.39 32.33
N LYS E 79 4.41 15.39 31.46
CA LYS E 79 5.34 16.51 31.65
C LYS E 79 5.32 17.05 33.10
N GLY E 80 4.12 17.42 33.56
CA GLY E 80 3.88 17.84 34.94
C GLY E 80 3.73 16.68 35.92
N GLY E 81 3.23 15.54 35.43
CA GLY E 81 3.07 14.33 36.24
C GLY E 81 4.34 13.74 36.81
N LEU E 82 5.41 13.69 36.00
CA LEU E 82 6.68 13.03 36.38
C LEU E 82 7.88 13.98 36.60
N LEU E 83 7.67 15.30 36.58
CA LEU E 83 8.73 16.33 36.79
C LEU E 83 9.67 16.09 37.99
N SER E 84 9.19 15.37 39.00
CA SER E 84 10.02 15.01 40.16
C SER E 84 11.15 14.03 39.78
N LEU E 85 10.82 12.90 39.15
CA LEU E 85 11.86 11.95 38.65
C LEU E 85 12.67 12.54 37.47
N SER E 86 12.11 13.52 36.73
CA SER E 86 12.80 14.17 35.58
C SER E 86 14.00 14.97 36.03
N GLU E 87 13.82 15.78 37.06
CA GLU E 87 14.92 16.50 37.70
C GLU E 87 16.04 15.55 38.13
N LEU E 88 15.66 14.39 38.66
CA LEU E 88 16.62 13.37 39.13
C LEU E 88 17.49 12.77 38.01
N HIS E 89 16.85 12.23 36.97
CA HIS E 89 17.55 11.57 35.85
C HIS E 89 18.18 12.54 34.88
N ALA E 90 17.43 13.60 34.58
CA ALA E 90 17.80 14.53 33.52
C ALA E 90 18.76 15.59 33.99
N PHE E 91 18.48 16.22 35.14
CA PHE E 91 19.34 17.30 35.69
C PHE E 91 20.47 16.68 36.51
N MET E 92 20.12 16.08 37.64
CA MET E 92 21.09 15.69 38.66
C MET E 92 22.06 14.62 38.16
N LEU E 93 21.49 13.49 37.75
CA LEU E 93 22.25 12.30 37.38
C LEU E 93 22.82 12.31 35.96
N ARG E 94 22.39 13.25 35.12
CA ARG E 94 22.88 13.37 33.72
C ARG E 94 22.91 12.05 32.95
N VAL E 95 21.76 11.39 33.01
CA VAL E 95 21.52 10.16 32.27
C VAL E 95 21.45 10.50 30.79
N ASP E 96 22.39 9.97 30.03
CA ASP E 96 22.31 10.07 28.58
C ASP E 96 20.90 9.57 28.10
N PRO E 97 20.13 10.45 27.39
CA PRO E 97 18.77 10.05 26.96
C PRO E 97 18.69 8.73 26.16
N VAL E 98 19.76 8.45 25.42
CA VAL E 98 19.90 7.19 24.68
C VAL E 98 19.60 5.93 25.50
N ASN E 99 19.91 5.97 26.79
CA ASN E 99 19.74 4.80 27.63
C ASN E 99 18.29 4.44 27.88
N PHE E 100 17.37 5.39 27.77
CA PHE E 100 15.96 5.09 28.01
C PHE E 100 15.41 3.94 27.10
N LYS E 101 15.85 3.92 25.84
CA LYS E 101 15.48 2.85 24.88
C LYS E 101 16.00 1.46 25.33
N LEU E 102 17.14 1.43 25.98
CA LEU E 102 17.78 0.22 26.45
C LEU E 102 17.00 -0.43 27.59
N LEU E 103 16.35 0.40 28.39
CA LEU E 103 15.51 -0.06 29.50
C LEU E 103 14.09 -0.42 29.04
N ALA E 104 13.57 0.37 28.11
CA ALA E 104 12.24 0.13 27.54
C ALA E 104 12.23 -1.21 26.78
N HIS E 105 13.28 -1.40 25.99
CA HIS E 105 13.48 -2.64 25.26
C HIS E 105 13.41 -3.86 26.19
N CYS E 106 14.27 -3.90 27.21
CA CYS E 106 14.31 -5.00 28.17
C CYS E 106 13.03 -5.11 28.98
N MET E 107 12.36 -4.00 29.22
CA MET E 107 11.03 -4.05 29.81
C MET E 107 10.11 -4.82 28.87
N LEU E 108 10.08 -4.44 27.58
CA LEU E 108 9.17 -5.10 26.61
C LEU E 108 9.49 -6.59 26.45
N VAL E 109 10.77 -6.90 26.47
CA VAL E 109 11.21 -8.29 26.44
C VAL E 109 10.54 -9.13 27.51
N CYS E 110 10.64 -8.70 28.76
CA CYS E 110 10.07 -9.47 29.87
C CYS E 110 8.55 -9.59 29.77
N MET E 111 7.91 -8.56 29.24
CA MET E 111 6.47 -8.58 29.09
C MET E 111 6.05 -9.69 28.14
N SER E 112 6.90 -9.99 27.15
CA SER E 112 6.63 -11.07 26.20
C SER E 112 7.00 -12.47 26.73
N MET E 113 8.02 -12.57 27.58
CA MET E 113 8.33 -13.85 28.23
C MET E 113 7.21 -14.25 29.16
N ILE E 114 6.82 -13.30 29.99
CA ILE E 114 5.79 -13.50 30.98
C ILE E 114 4.40 -13.54 30.38
N PHE E 115 4.12 -12.79 29.30
CA PHE E 115 2.74 -12.69 28.71
C PHE E 115 2.68 -12.93 27.20
N PRO E 116 3.13 -14.10 26.75
CA PRO E 116 3.42 -14.31 25.33
C PRO E 116 2.22 -14.25 24.40
N GLU E 117 1.03 -14.56 24.91
CA GLU E 117 -0.17 -14.54 24.09
C GLU E 117 -0.76 -13.14 24.15
N GLU E 118 -0.84 -12.62 25.36
CA GLU E 118 -1.53 -11.36 25.63
C GLU E 118 -0.75 -10.15 25.06
N PHE E 119 0.57 -10.27 24.96
CA PHE E 119 1.39 -9.15 24.50
C PHE E 119 1.43 -9.15 22.97
N THR E 120 0.35 -8.69 22.37
CA THR E 120 0.19 -8.63 20.92
C THR E 120 1.01 -7.46 20.35
N PRO E 121 1.13 -7.39 19.02
CA PRO E 121 1.64 -6.15 18.41
C PRO E 121 0.83 -4.93 18.82
N GLN E 122 -0.50 -5.07 18.87
CA GLN E 122 -1.42 -4.00 19.27
C GLN E 122 -1.17 -3.53 20.70
N VAL E 123 -0.88 -4.49 21.59
CA VAL E 123 -0.52 -4.18 22.99
C VAL E 123 0.89 -3.58 23.03
N HIS E 124 1.83 -4.23 22.34
CA HIS E 124 3.18 -3.66 22.09
C HIS E 124 3.14 -2.18 21.61
N VAL E 125 2.26 -1.82 20.66
CA VAL E 125 2.18 -0.40 20.18
C VAL E 125 2.01 0.49 21.42
N ALA E 126 0.97 0.20 22.20
CA ALA E 126 0.50 1.08 23.27
C ALA E 126 1.53 1.21 24.37
N VAL E 127 2.06 0.07 24.81
CA VAL E 127 3.11 0.02 25.84
C VAL E 127 4.40 0.73 25.41
N ASP E 128 4.75 0.67 24.12
CA ASP E 128 5.97 1.32 23.61
C ASP E 128 5.74 2.83 23.46
N LYS E 129 4.52 3.21 23.11
CA LYS E 129 4.15 4.64 23.07
C LYS E 129 4.19 5.23 24.46
N PHE E 130 3.61 4.50 25.40
CA PHE E 130 3.65 4.86 26.80
C PHE E 130 5.07 5.02 27.32
N LEU E 131 6.00 4.14 26.90
CA LEU E 131 7.40 4.21 27.33
C LEU E 131 8.20 5.25 26.56
N ALA E 132 7.87 5.47 25.29
CA ALA E 132 8.53 6.56 24.54
C ALA E 132 8.09 7.95 25.09
N GLN E 133 6.85 8.02 25.57
CA GLN E 133 6.32 9.25 26.19
C GLN E 133 6.85 9.44 27.59
N LEU E 134 6.86 8.36 28.34
CA LEU E 134 7.49 8.37 29.65
C LEU E 134 8.96 8.77 29.54
N ALA E 135 9.65 8.35 28.48
CA ALA E 135 11.03 8.76 28.26
C ALA E 135 11.13 10.24 27.93
N LEU E 136 10.18 10.77 27.16
CA LEU E 136 10.10 12.23 26.86
C LEU E 136 9.96 13.05 28.14
N ALA E 137 8.99 12.67 28.98
CA ALA E 137 8.74 13.30 30.28
C ALA E 137 10.00 13.33 31.15
N LEU E 138 10.70 12.20 31.22
CA LEU E 138 11.98 12.17 31.90
C LEU E 138 13.04 12.95 31.15
N ALA E 139 12.89 13.10 29.84
CA ALA E 139 13.80 13.94 29.06
C ALA E 139 13.53 15.46 29.19
N GLU E 140 12.58 15.82 30.05
CA GLU E 140 12.11 17.17 30.15
C GLU E 140 13.14 18.13 30.77
N LYS E 141 13.88 17.67 31.79
CA LYS E 141 14.78 18.56 32.57
C LYS E 141 16.26 18.65 32.12
N TYR E 142 16.57 18.32 30.88
CA TYR E 142 17.96 18.38 30.37
C TYR E 142 18.43 19.81 30.18
N ARG E 143 17.69 20.54 29.36
CA ARG E 143 18.06 21.86 28.89
C ARG E 143 16.79 22.72 28.81
N VAL F 1 34.25 -9.33 14.91
CA VAL F 1 33.59 -10.40 15.73
C VAL F 1 34.49 -11.64 15.94
N GLU F 2 34.95 -11.81 17.17
CA GLU F 2 35.46 -13.09 17.67
C GLU F 2 34.34 -13.66 18.56
N TRP F 3 34.06 -14.95 18.40
CA TRP F 3 33.01 -15.61 19.19
C TRP F 3 33.61 -16.64 20.11
N THR F 4 33.06 -16.76 21.31
CA THR F 4 33.43 -17.85 22.21
C THR F 4 32.75 -19.13 21.71
N ASP F 5 33.03 -20.25 22.37
CA ASP F 5 32.31 -21.49 22.09
C ASP F 5 30.85 -21.34 22.52
N SER F 6 30.60 -20.88 23.75
CA SER F 6 29.24 -20.70 24.29
C SER F 6 28.34 -19.69 23.57
N GLU F 7 28.88 -18.89 22.65
CA GLU F 7 28.08 -17.98 21.87
C GLU F 7 27.70 -18.56 20.51
N ARG F 8 28.56 -19.41 19.96
CA ARG F 8 28.24 -20.10 18.72
C ARG F 8 27.16 -21.15 19.01
N ALA F 9 27.27 -21.79 20.16
CA ALA F 9 26.34 -22.83 20.58
C ALA F 9 25.00 -22.21 20.85
N ILE F 10 24.97 -21.06 21.51
CA ILE F 10 23.68 -20.40 21.84
C ILE F 10 22.92 -19.90 20.60
N ILE F 11 23.62 -19.25 19.69
CA ILE F 11 22.95 -18.70 18.51
C ILE F 11 22.33 -19.85 17.68
N THR F 12 23.09 -20.92 17.45
CA THR F 12 22.61 -22.16 16.83
C THR F 12 21.40 -22.72 17.58
N SER F 13 21.45 -22.68 18.92
CA SER F 13 20.30 -23.09 19.78
C SER F 13 19.03 -22.24 19.57
N ILE F 14 19.17 -20.92 19.48
CA ILE F 14 18.02 -20.04 19.17
C ILE F 14 17.42 -20.44 17.83
N PHE F 15 18.26 -20.50 16.81
CA PHE F 15 17.76 -20.75 15.46
C PHE F 15 17.11 -22.13 15.29
N SER F 16 17.68 -23.18 15.88
CA SER F 16 17.12 -24.57 15.85
C SER F 16 15.71 -24.71 16.41
N ASN F 17 15.31 -23.84 17.34
CA ASN F 17 13.94 -23.76 17.87
C ASN F 17 12.92 -23.16 16.92
N LEU F 18 13.36 -22.33 15.97
CA LEU F 18 12.45 -21.44 15.24
C LEU F 18 11.76 -21.98 13.99
N ASP F 19 10.45 -21.81 13.93
CA ASP F 19 9.73 -21.93 12.66
C ASP F 19 10.00 -20.62 11.92
N TYR F 20 10.77 -20.69 10.86
CA TYR F 20 11.25 -19.48 10.21
C TYR F 20 10.06 -18.69 9.62
N GLU F 21 8.99 -19.38 9.21
CA GLU F 21 7.76 -18.72 8.72
C GLU F 21 6.89 -18.12 9.84
N GLU F 22 6.76 -18.81 10.97
CA GLU F 22 6.01 -18.28 12.08
C GLU F 22 6.69 -16.97 12.56
N ILE F 23 7.97 -17.08 12.82
CA ILE F 23 8.76 -16.02 13.43
C ILE F 23 9.00 -14.84 12.50
N GLY F 24 9.22 -15.12 11.23
CA GLY F 24 9.38 -14.08 10.22
C GLY F 24 8.10 -13.30 10.04
N ARG F 25 6.99 -14.04 9.90
CA ARG F 25 5.67 -13.46 9.76
C ARG F 25 5.34 -12.54 10.91
N LYS F 26 5.43 -13.07 12.13
CA LYS F 26 5.20 -12.29 13.35
C LYS F 26 6.15 -11.13 13.56
N SER F 27 7.40 -11.26 13.09
CA SER F 27 8.41 -10.25 13.38
C SER F 27 8.13 -9.05 12.55
N LEU F 28 7.99 -9.29 11.24
CA LEU F 28 7.68 -8.22 10.28
C LEU F 28 6.33 -7.62 10.57
N CYS F 29 5.30 -8.43 10.81
CA CYS F 29 4.00 -7.86 11.20
C CYS F 29 4.05 -6.97 12.41
N ARG F 30 4.80 -7.39 13.42
CA ARG F 30 4.99 -6.60 14.61
C ARG F 30 5.82 -5.34 14.33
N CYS F 31 6.67 -5.31 13.33
CA CYS F 31 7.37 -4.06 13.01
C CYS F 31 6.40 -3.10 12.31
N LEU F 32 5.54 -3.63 11.47
CA LEU F 32 4.65 -2.81 10.62
C LEU F 32 3.52 -2.18 11.41
N ILE F 33 3.19 -2.79 12.55
CA ILE F 33 2.12 -2.32 13.41
C ILE F 33 2.70 -1.40 14.47
N VAL F 34 3.79 -1.80 15.11
CA VAL F 34 4.40 -0.95 16.14
C VAL F 34 5.04 0.30 15.54
N TYR F 35 5.54 0.21 14.32
CA TYR F 35 6.26 1.30 13.67
C TYR F 35 5.71 1.48 12.23
N PRO F 36 4.47 1.97 12.13
CA PRO F 36 3.80 2.01 10.83
C PRO F 36 4.46 2.79 9.69
N TRP F 37 5.39 3.70 9.97
CA TRP F 37 6.14 4.35 8.90
C TRP F 37 6.99 3.41 8.12
N THR F 38 7.42 2.31 8.73
CA THR F 38 8.10 1.24 7.97
C THR F 38 7.22 0.64 6.86
N GLN F 39 5.90 0.92 6.84
CA GLN F 39 5.00 0.47 5.73
C GLN F 39 5.31 1.08 4.38
N ARG F 40 5.95 2.25 4.37
CA ARG F 40 6.33 2.91 3.13
C ARG F 40 7.13 2.05 2.17
N TYR F 41 8.03 1.25 2.71
CA TYR F 41 8.90 0.37 1.91
C TYR F 41 8.19 -0.89 1.37
N PHE F 42 7.02 -1.23 1.90
CA PHE F 42 6.34 -2.46 1.54
C PHE F 42 5.03 -2.19 0.85
N GLY F 43 5.02 -1.21 -0.07
CA GLY F 43 3.82 -0.85 -0.86
C GLY F 43 3.13 -1.99 -1.58
N ALA F 44 3.93 -2.88 -2.19
CA ALA F 44 3.46 -3.98 -3.05
C ALA F 44 2.79 -5.13 -2.32
N PHE F 45 2.97 -5.20 -1.00
CA PHE F 45 2.61 -6.36 -0.21
C PHE F 45 1.16 -6.36 0.29
N GLY F 46 0.28 -5.69 -0.48
CA GLY F 46 -1.16 -5.83 -0.34
C GLY F 46 -1.71 -4.75 0.56
N ASN F 47 -2.89 -5.02 1.09
CA ASN F 47 -3.58 -4.09 1.95
C ASN F 47 -2.99 -4.22 3.35
N LEU F 48 -2.45 -3.10 3.87
CA LEU F 48 -1.84 -3.00 5.20
C LEU F 48 -2.68 -2.07 6.05
N TYR F 49 -3.99 -2.25 5.96
CA TYR F 49 -4.98 -1.35 6.52
C TYR F 49 -5.00 -1.20 8.07
N ASN F 50 -4.96 -2.32 8.78
CA ASN F 50 -4.88 -2.30 10.25
C ASN F 50 -4.13 -3.53 10.73
N ALA F 51 -4.03 -3.70 12.04
CA ALA F 51 -3.33 -4.86 12.61
C ALA F 51 -3.91 -6.15 12.08
N GLU F 52 -5.23 -6.33 12.24
CA GLU F 52 -5.87 -7.61 11.88
C GLU F 52 -5.67 -7.92 10.41
N THR F 53 -5.61 -6.90 9.57
CA THR F 53 -5.31 -7.10 8.15
C THR F 53 -3.89 -7.54 7.92
N ILE F 54 -2.95 -6.80 8.52
CA ILE F 54 -1.52 -7.05 8.32
C ILE F 54 -1.20 -8.44 8.90
N LEU F 55 -1.64 -8.69 10.13
CA LEU F 55 -1.36 -9.94 10.79
C LEU F 55 -1.79 -11.10 9.89
N ALA F 56 -2.93 -10.97 9.22
CA ALA F 56 -3.46 -12.03 8.34
C ALA F 56 -3.20 -11.79 6.84
N ASN F 57 -2.10 -11.11 6.47
CA ASN F 57 -1.73 -10.89 5.05
C ASN F 57 -0.65 -11.88 4.65
N PRO F 58 -0.94 -12.78 3.69
CA PRO F 58 0.04 -13.82 3.36
C PRO F 58 1.21 -13.33 2.53
N LEU F 59 1.16 -12.14 1.97
CA LEU F 59 2.29 -11.61 1.17
C LEU F 59 3.40 -11.10 2.08
N ILE F 60 2.97 -10.62 3.24
CA ILE F 60 3.81 -10.16 4.29
C ILE F 60 4.51 -11.36 4.94
N ALA F 61 3.76 -12.45 5.07
CA ALA F 61 4.24 -13.70 5.64
C ALA F 61 5.45 -14.26 4.90
N ALA F 62 5.33 -14.28 3.58
CA ALA F 62 6.38 -14.80 2.72
C ALA F 62 7.67 -13.97 2.76
N HIS F 63 7.56 -12.64 2.75
CA HIS F 63 8.76 -11.81 2.89
C HIS F 63 9.38 -11.82 4.30
N GLY F 64 8.56 -11.88 5.33
CA GLY F 64 9.06 -12.21 6.66
C GLY F 64 9.87 -13.51 6.68
N THR F 65 9.33 -14.51 5.99
CA THR F 65 10.04 -15.77 5.82
C THR F 65 11.41 -15.60 5.16
N LYS F 66 11.52 -14.74 4.16
CA LYS F 66 12.83 -14.47 3.58
C LYS F 66 13.80 -13.78 4.53
N ILE F 67 13.28 -12.89 5.38
CA ILE F 67 14.15 -12.24 6.35
C ILE F 67 14.85 -13.29 7.21
N LEU F 68 14.09 -14.27 7.73
CA LEU F 68 14.69 -15.29 8.60
C LEU F 68 15.71 -16.14 7.85
N HIS F 69 15.46 -16.42 6.57
CA HIS F 69 16.47 -17.09 5.75
C HIS F 69 17.67 -16.18 5.54
N GLY F 70 17.43 -14.87 5.38
CA GLY F 70 18.49 -13.86 5.45
C GLY F 70 19.34 -14.07 6.69
N LEU F 71 18.70 -14.03 7.85
CA LEU F 71 19.38 -14.25 9.13
C LEU F 71 20.08 -15.63 9.29
N ASP F 72 19.49 -16.69 8.74
CA ASP F 72 20.08 -18.05 8.74
C ASP F 72 21.45 -18.06 8.05
N ARG F 73 21.56 -17.42 6.89
CA ARG F 73 22.84 -17.30 6.19
C ARG F 73 23.93 -16.72 7.10
N ALA F 74 23.62 -15.61 7.77
CA ALA F 74 24.53 -15.08 8.79
C ALA F 74 24.91 -16.14 9.85
N LEU F 75 23.93 -16.86 10.39
CA LEU F 75 24.17 -17.93 11.39
C LEU F 75 25.23 -18.92 10.94
N LYS F 76 25.13 -19.38 9.71
CA LYS F 76 26.06 -20.39 9.18
C LYS F 76 27.40 -19.82 8.70
N ASN F 77 27.46 -18.51 8.49
CA ASN F 77 28.68 -17.81 8.06
C ASN F 77 29.08 -16.77 9.10
N MET F 78 29.00 -17.13 10.37
CA MET F 78 29.20 -16.16 11.43
C MET F 78 30.55 -15.43 11.48
N ASP F 79 31.54 -15.92 10.75
CA ASP F 79 32.83 -15.23 10.60
C ASP F 79 32.93 -14.43 9.32
N ASP F 80 32.03 -14.65 8.36
CA ASP F 80 32.04 -13.91 7.12
C ASP F 80 30.71 -13.22 6.88
N ILE F 81 30.10 -12.70 7.94
CA ILE F 81 28.76 -12.09 7.79
C ILE F 81 28.87 -10.90 6.87
N LYS F 82 29.68 -9.90 7.26
CA LYS F 82 30.08 -8.78 6.38
C LYS F 82 30.09 -9.13 4.91
N ASN F 83 30.86 -10.17 4.56
CA ASN F 83 30.93 -10.62 3.15
C ASN F 83 29.59 -11.14 2.61
N THR F 84 28.96 -12.00 3.40
CA THR F 84 27.68 -12.60 3.04
C THR F 84 26.61 -11.54 2.73
N TYR F 85 26.63 -10.47 3.53
CA TYR F 85 25.63 -9.39 3.42
C TYR F 85 26.00 -8.18 2.57
N ALA F 86 27.15 -8.17 1.89
CA ALA F 86 27.47 -7.08 0.93
C ALA F 86 26.36 -6.79 -0.11
N GLU F 87 25.77 -7.84 -0.71
CA GLU F 87 24.65 -7.66 -1.70
C GLU F 87 23.34 -7.15 -1.04
N LEU F 88 23.05 -7.63 0.17
CA LEU F 88 21.86 -7.19 0.91
C LEU F 88 21.93 -5.72 1.33
N SER F 89 23.06 -5.29 1.91
CA SER F 89 23.29 -3.84 2.20
C SER F 89 23.09 -2.92 0.99
N LEU F 90 23.63 -3.31 -0.16
CA LEU F 90 23.55 -2.51 -1.37
C LEU F 90 22.16 -2.55 -2.01
N LEU F 91 21.35 -3.55 -1.68
CA LEU F 91 19.94 -3.55 -2.10
C LEU F 91 19.12 -2.63 -1.17
N HIS F 92 19.32 -2.76 0.13
CA HIS F 92 18.63 -1.96 1.14
C HIS F 92 19.10 -0.49 1.15
N SER F 93 20.31 -0.19 0.64
CA SER F 93 20.85 1.18 0.56
C SER F 93 20.68 1.80 -0.84
N ASP F 94 21.33 1.23 -1.85
CA ASP F 94 21.30 1.81 -3.19
C ASP F 94 19.89 1.79 -3.81
N LYS F 95 19.27 0.61 -3.83
CA LYS F 95 17.98 0.43 -4.52
C LYS F 95 16.74 0.67 -3.67
N LEU F 96 16.93 0.89 -2.35
CA LEU F 96 15.80 1.18 -1.44
C LEU F 96 15.99 2.35 -0.44
N HIS F 97 17.21 2.86 -0.27
CA HIS F 97 17.59 3.80 0.82
C HIS F 97 16.79 3.58 2.13
N VAL F 98 16.89 2.38 2.69
CA VAL F 98 16.33 2.08 4.02
C VAL F 98 17.30 2.62 5.03
N ASP F 99 16.84 3.49 5.91
CA ASP F 99 17.73 4.07 6.91
C ASP F 99 17.98 2.98 7.97
N PRO F 100 19.21 2.91 8.52
CA PRO F 100 19.52 1.82 9.44
C PRO F 100 18.97 1.98 10.83
N ASP F 101 18.22 3.06 11.10
CA ASP F 101 17.44 3.06 12.32
C ASP F 101 16.36 1.98 12.20
N ASN F 102 15.88 1.70 10.98
CA ASN F 102 14.84 0.71 10.78
C ASN F 102 15.29 -0.71 11.03
N PHE F 103 16.53 -1.03 10.67
CA PHE F 103 17.09 -2.32 11.01
C PHE F 103 17.04 -2.57 12.53
N ARG F 104 17.38 -1.56 13.34
CA ARG F 104 17.30 -1.73 14.80
C ARG F 104 15.87 -1.80 15.34
N LEU F 105 14.87 -1.33 14.57
CA LEU F 105 13.44 -1.48 14.94
C LEU F 105 12.92 -2.90 14.65
N LEU F 106 13.30 -3.44 13.52
CA LEU F 106 12.91 -4.78 13.12
C LEU F 106 13.64 -5.84 13.97
N ALA F 107 14.94 -5.67 14.14
CA ALA F 107 15.73 -6.47 15.09
C ALA F 107 15.09 -6.51 16.49
N ASP F 108 14.62 -5.37 16.98
CA ASP F 108 13.96 -5.32 18.28
C ASP F 108 12.65 -6.10 18.31
N CYS F 109 11.86 -5.92 17.25
CA CYS F 109 10.65 -6.69 17.04
C CYS F 109 10.92 -8.19 16.98
N LEU F 110 11.97 -8.58 16.27
CA LEU F 110 12.39 -9.97 16.24
C LEU F 110 12.74 -10.49 17.65
N THR F 111 13.45 -9.68 18.41
CA THR F 111 13.82 -10.01 19.76
C THR F 111 12.60 -10.25 20.64
N VAL F 112 11.56 -9.44 20.49
CA VAL F 112 10.33 -9.63 21.27
C VAL F 112 9.55 -10.91 20.89
N VAL F 113 9.59 -11.26 19.61
CA VAL F 113 8.88 -12.44 19.13
C VAL F 113 9.58 -13.69 19.66
N ILE F 114 10.92 -13.65 19.67
CA ILE F 114 11.75 -14.77 20.11
C ILE F 114 11.67 -15.01 21.61
N ALA F 115 11.54 -13.92 22.38
CA ALA F 115 11.36 -13.96 23.82
C ALA F 115 10.05 -14.61 24.19
N ALA F 116 9.00 -14.21 23.50
CA ALA F 116 7.68 -14.86 23.62
C ALA F 116 7.71 -16.40 23.34
N LYS F 117 8.38 -16.79 22.26
CA LYS F 117 8.51 -18.19 21.87
C LYS F 117 9.36 -18.96 22.89
N MET F 118 10.51 -18.41 23.31
CA MET F 118 11.43 -19.16 24.18
C MET F 118 11.11 -19.10 25.67
N GLY F 119 10.38 -18.09 26.13
CA GLY F 119 10.07 -17.91 27.55
C GLY F 119 11.33 -17.75 28.40
N SER F 120 11.32 -18.41 29.56
CA SER F 120 12.47 -18.44 30.49
C SER F 120 13.72 -19.09 29.90
N ALA F 121 13.56 -19.88 28.83
CA ALA F 121 14.72 -20.37 28.07
C ALA F 121 15.48 -19.25 27.34
N PHE F 122 14.87 -18.06 27.21
CA PHE F 122 15.59 -16.87 26.68
C PHE F 122 16.21 -16.22 27.91
N THR F 123 17.28 -16.83 28.41
CA THR F 123 17.94 -16.33 29.61
C THR F 123 18.65 -14.99 29.34
N VAL F 124 19.09 -14.34 30.40
CA VAL F 124 19.89 -13.11 30.26
C VAL F 124 21.06 -13.39 29.35
N ASP F 125 21.64 -14.57 29.52
CA ASP F 125 22.91 -14.94 28.88
C ASP F 125 22.61 -15.21 27.42
N THR F 126 21.47 -15.87 27.20
CA THR F 126 20.94 -16.08 25.88
C THR F 126 20.74 -14.75 25.15
N GLN F 127 20.21 -13.76 25.84
CA GLN F 127 19.99 -12.44 25.22
C GLN F 127 21.29 -11.73 24.86
N VAL F 128 22.36 -11.87 25.69
CA VAL F 128 23.62 -11.13 25.43
C VAL F 128 24.20 -11.49 24.07
N ALA F 129 24.28 -12.78 23.80
CA ALA F 129 24.88 -13.29 22.56
C ALA F 129 23.99 -13.03 21.36
N TRP F 130 22.69 -13.18 21.56
CA TRP F 130 21.68 -12.78 20.58
C TRP F 130 21.85 -11.29 20.13
N GLN F 131 21.98 -10.40 21.11
CA GLN F 131 22.29 -9.00 20.84
C GLN F 131 23.59 -8.82 20.12
N LYS F 132 24.64 -9.53 20.52
CA LYS F 132 25.90 -9.43 19.78
C LYS F 132 25.70 -9.80 18.32
N PHE F 133 24.91 -10.87 18.07
CA PHE F 133 24.66 -11.39 16.72
C PHE F 133 23.85 -10.43 15.88
N LEU F 134 22.82 -9.85 16.51
CA LEU F 134 22.01 -8.83 15.84
C LEU F 134 22.84 -7.60 15.49
N SER F 135 23.65 -7.14 16.46
CA SER F 135 24.54 -5.99 16.30
C SER F 135 25.47 -6.13 15.11
N VAL F 136 26.05 -7.33 14.93
CA VAL F 136 26.94 -7.65 13.80
C VAL F 136 26.15 -7.62 12.49
N VAL F 137 24.99 -8.29 12.49
CA VAL F 137 24.09 -8.40 11.33
C VAL F 137 23.62 -7.02 10.87
N VAL F 138 23.17 -6.19 11.83
CA VAL F 138 22.59 -4.88 11.53
C VAL F 138 23.70 -3.95 11.04
N SER F 139 24.84 -3.95 11.73
CA SER F 139 26.05 -3.30 11.25
C SER F 139 26.35 -3.75 9.80
N ALA F 140 26.32 -5.06 9.56
CA ALA F 140 26.62 -5.64 8.22
C ALA F 140 25.60 -5.34 7.16
N LEU F 141 24.41 -4.92 7.58
CA LEU F 141 23.34 -4.55 6.67
C LEU F 141 23.41 -3.07 6.23
N GLY F 142 24.43 -2.33 6.67
CA GLY F 142 24.84 -1.08 6.00
C GLY F 142 26.32 -0.69 6.01
N ARG F 143 27.27 -1.66 5.99
CA ARG F 143 28.75 -1.34 5.98
C ARG F 143 29.15 -0.48 4.76
N GLN F 144 28.39 -0.64 3.69
CA GLN F 144 28.41 0.23 2.53
C GLN F 144 27.09 1.05 2.54
N TYR F 145 27.15 2.27 3.11
CA TYR F 145 25.96 3.16 3.27
C TYR F 145 25.62 3.99 2.01
N SER G 2 10.38 20.79 25.97
CA SER G 2 9.46 21.87 26.49
C SER G 2 10.25 23.15 26.77
N LEU G 3 9.86 24.24 26.12
CA LEU G 3 10.54 25.54 26.31
C LEU G 3 10.06 26.27 27.58
N SER G 4 11.00 26.97 28.22
CA SER G 4 10.72 27.93 29.29
C SER G 4 10.20 29.23 28.65
N SER G 5 9.77 30.18 29.51
CA SER G 5 9.28 31.47 29.03
C SER G 5 10.35 32.17 28.19
N LYS G 6 11.58 32.18 28.72
CA LYS G 6 12.71 32.85 28.09
C LYS G 6 13.20 32.24 26.75
N GLN G 7 13.05 30.92 26.59
CA GLN G 7 13.58 30.20 25.41
C GLN G 7 12.74 30.49 24.17
N LYS G 8 11.42 30.42 24.35
CA LYS G 8 10.46 30.93 23.37
C LYS G 8 10.77 32.39 23.01
N ALA G 9 10.98 33.23 24.05
CA ALA G 9 11.34 34.65 23.85
C ALA G 9 12.61 34.82 23.03
N THR G 10 13.59 33.96 23.29
CA THR G 10 14.76 33.86 22.43
C THR G 10 14.43 33.36 21.02
N VAL G 11 13.59 32.32 20.94
CA VAL G 11 13.17 31.74 19.65
C VAL G 11 12.45 32.81 18.82
N LYS G 12 11.36 33.35 19.36
CA LYS G 12 10.50 34.33 18.66
C LYS G 12 11.30 35.57 18.28
N ASP G 13 12.05 36.11 19.25
CA ASP G 13 12.92 37.28 19.03
C ASP G 13 14.17 37.04 18.13
N PHE G 14 14.45 35.79 17.74
CA PHE G 14 15.51 35.48 16.76
C PHE G 14 14.96 35.26 15.32
N PHE G 15 13.77 34.65 15.22
CA PHE G 15 13.11 34.46 13.91
C PHE G 15 12.70 35.78 13.26
N SER G 16 12.51 36.81 14.09
CA SER G 16 12.44 38.20 13.61
C SER G 16 13.60 38.53 12.65
N LYS G 17 14.83 38.46 13.14
CA LYS G 17 16.03 38.78 12.36
C LYS G 17 16.18 37.87 11.14
N MET G 18 15.98 36.57 11.34
CA MET G 18 15.99 35.60 10.23
C MET G 18 15.03 35.97 9.09
N SER G 19 13.88 36.57 9.41
CA SER G 19 12.80 36.91 8.44
C SER G 19 13.27 37.50 7.13
N THR G 20 14.09 38.54 7.25
CA THR G 20 14.71 39.22 6.11
C THR G 20 15.23 38.22 5.09
N ARG G 21 15.88 37.17 5.57
CA ARG G 21 16.47 36.13 4.73
C ARG G 21 15.74 34.78 4.90
N SER G 22 14.41 34.81 4.92
CA SER G 22 13.60 33.58 5.06
C SER G 22 13.73 32.70 3.83
N ASP G 23 13.42 33.26 2.66
CA ASP G 23 13.30 32.47 1.45
C ASP G 23 14.59 31.74 1.04
N ASP G 24 15.76 32.27 1.43
CA ASP G 24 17.06 31.66 1.03
C ASP G 24 17.58 30.65 2.06
N ILE G 25 17.34 30.87 3.37
CA ILE G 25 17.57 29.85 4.40
C ILE G 25 16.81 28.56 4.07
N GLY G 26 15.51 28.73 3.80
CA GLY G 26 14.65 27.69 3.25
C GLY G 26 15.20 27.02 2.00
N ALA G 27 15.56 27.84 1.02
CA ALA G 27 16.09 27.35 -0.27
C ALA G 27 17.31 26.46 -0.10
N GLU G 28 18.23 26.88 0.75
CA GLU G 28 19.50 26.19 0.90
C GLU G 28 19.38 24.99 1.82
N ALA G 29 18.67 25.17 2.94
CA ALA G 29 18.36 24.05 3.85
C ALA G 29 17.81 22.78 3.16
N LEU G 30 16.77 22.93 2.34
CA LEU G 30 16.25 21.80 1.58
C LEU G 30 17.26 21.33 0.55
N SER G 31 17.98 22.27 -0.05
CA SER G 31 19.00 21.88 -1.02
C SER G 31 20.11 21.06 -0.37
N ARG G 32 20.44 21.40 0.86
CA ARG G 32 21.45 20.68 1.60
C ARG G 32 20.92 19.32 2.10
N LEU G 33 19.66 19.22 2.51
CA LEU G 33 19.05 17.91 2.86
C LEU G 33 19.12 16.91 1.71
N VAL G 34 18.74 17.35 0.51
CA VAL G 34 18.77 16.46 -0.66
C VAL G 34 20.20 16.15 -1.15
N ALA G 35 21.12 17.08 -0.94
CA ALA G 35 22.52 16.91 -1.37
C ALA G 35 23.30 16.04 -0.40
N VAL G 36 23.27 16.42 0.88
CA VAL G 36 24.03 15.76 1.96
C VAL G 36 23.45 14.38 2.27
N TYR G 37 22.12 14.30 2.29
CA TYR G 37 21.39 13.06 2.63
C TYR G 37 20.53 12.61 1.45
N PRO G 38 21.16 12.01 0.42
CA PRO G 38 20.41 11.51 -0.75
C PRO G 38 19.28 10.49 -0.51
N GLN G 39 19.14 9.94 0.70
CA GLN G 39 17.98 9.09 1.00
C GLN G 39 16.68 9.87 0.68
N THR G 40 16.66 11.13 1.10
CA THR G 40 15.48 11.97 1.02
C THR G 40 15.00 12.28 -0.41
N LYS G 41 15.90 12.16 -1.40
CA LYS G 41 15.52 12.28 -2.81
C LYS G 41 14.34 11.39 -3.21
N SER G 42 14.17 10.27 -2.51
CA SER G 42 13.00 9.38 -2.70
C SER G 42 11.64 10.07 -2.51
N TYR G 43 11.54 10.94 -1.51
CA TYR G 43 10.28 11.60 -1.18
C TYR G 43 9.84 12.68 -2.18
N PHE G 44 10.74 13.13 -3.04
CA PHE G 44 10.44 14.19 -4.00
C PHE G 44 10.54 13.69 -5.45
N SER G 45 10.51 12.38 -5.64
CA SER G 45 10.79 11.72 -6.95
C SER G 45 9.74 12.00 -7.98
N HIS G 46 8.55 12.31 -7.51
CA HIS G 46 7.44 12.72 -8.37
C HIS G 46 7.61 14.11 -8.99
N TRP G 47 8.41 14.97 -8.38
CA TRP G 47 8.77 16.29 -8.98
C TRP G 47 9.60 16.11 -10.27
N LYS G 48 9.98 17.22 -10.90
CA LYS G 48 10.87 17.19 -12.07
C LYS G 48 12.28 17.72 -11.80
N ASP G 49 12.74 17.69 -10.53
CA ASP G 49 14.14 17.99 -10.19
C ASP G 49 14.46 17.82 -8.69
N ALA G 50 15.69 17.36 -8.38
CA ALA G 50 16.19 17.27 -7.00
C ALA G 50 17.61 17.87 -6.92
N SER G 51 17.68 19.16 -6.66
CA SER G 51 18.95 19.90 -6.68
C SER G 51 18.74 21.33 -6.18
N PRO G 52 19.83 22.11 -6.00
CA PRO G 52 19.71 23.57 -5.79
C PRO G 52 19.52 24.36 -7.08
N GLY G 53 19.34 25.68 -6.97
CA GLY G 53 19.11 26.55 -8.13
C GLY G 53 17.72 26.29 -8.69
N SER G 54 17.54 25.06 -9.16
CA SER G 54 16.24 24.35 -9.31
C SER G 54 15.03 25.06 -8.64
N ALA G 55 14.02 25.41 -9.44
CA ALA G 55 12.86 26.16 -8.96
C ALA G 55 12.02 25.39 -7.93
N PRO G 56 11.88 24.05 -8.12
CA PRO G 56 11.14 23.29 -7.13
C PRO G 56 11.77 23.36 -5.73
N VAL G 57 13.06 23.04 -5.61
CA VAL G 57 13.71 22.96 -4.29
C VAL G 57 13.79 24.32 -3.56
N ARG G 58 13.81 25.42 -4.30
CA ARG G 58 13.69 26.77 -3.73
C ARG G 58 12.25 27.04 -3.27
N LYS G 59 11.30 26.81 -4.18
CA LYS G 59 9.87 26.96 -3.89
C LYS G 59 9.45 26.15 -2.66
N HIS G 60 9.77 24.85 -2.64
CA HIS G 60 9.37 24.03 -1.49
C HIS G 60 10.11 24.43 -0.24
N GLY G 61 11.43 24.61 -0.36
CA GLY G 61 12.25 25.10 0.75
C GLY G 61 11.64 26.34 1.39
N ILE G 62 11.11 27.24 0.55
CA ILE G 62 10.34 28.39 1.03
C ILE G 62 9.04 27.94 1.66
N THR G 63 8.29 27.06 0.98
CA THR G 63 7.07 26.48 1.56
C THR G 63 7.28 25.84 2.94
N ILE G 64 8.44 25.23 3.17
CA ILE G 64 8.75 24.67 4.51
C ILE G 64 8.93 25.79 5.53
N MET G 65 9.62 26.86 5.11
CA MET G 65 9.88 28.00 6.01
C MET G 65 8.62 28.66 6.54
N GLY G 66 7.60 28.74 5.69
CA GLY G 66 6.25 29.18 6.08
C GLY G 66 5.61 28.30 7.15
N GLY G 67 5.84 26.99 7.06
CA GLY G 67 5.52 26.09 8.16
C GLY G 67 6.34 26.37 9.42
N VAL G 68 7.64 26.59 9.22
CA VAL G 68 8.49 26.89 10.36
C VAL G 68 8.00 28.16 11.07
N TYR G 69 7.80 29.24 10.31
CA TYR G 69 7.26 30.51 10.89
C TYR G 69 5.83 30.41 11.45
N ASP G 70 4.98 29.63 10.79
CA ASP G 70 3.66 29.31 11.34
C ASP G 70 3.77 28.62 12.71
N ALA G 71 4.69 27.66 12.84
CA ALA G 71 4.94 27.01 14.14
C ALA G 71 5.45 27.99 15.24
N VAL G 72 6.22 29.01 14.86
CA VAL G 72 6.63 30.06 15.83
C VAL G 72 5.40 30.81 16.44
N GLY G 73 4.48 31.25 15.59
CA GLY G 73 3.17 31.73 16.05
C GLY G 73 2.44 30.80 17.02
N LYS G 74 2.59 29.48 16.83
CA LYS G 74 2.04 28.46 17.75
C LYS G 74 2.99 27.98 18.88
N ILE G 75 4.09 28.70 19.12
CA ILE G 75 5.13 28.30 20.10
C ILE G 75 4.62 27.84 21.47
N ASP G 76 3.48 28.35 21.93
CA ASP G 76 2.90 27.93 23.24
C ASP G 76 2.15 26.58 23.24
N ASP G 77 1.86 26.00 22.05
CA ASP G 77 1.20 24.68 21.97
C ASP G 77 1.25 24.04 20.58
N LEU G 78 2.42 23.50 20.24
CA LEU G 78 2.67 22.93 18.90
C LEU G 78 1.95 21.60 18.59
N LYS G 79 1.90 20.69 19.57
CA LYS G 79 1.41 19.31 19.37
C LYS G 79 0.07 19.30 18.63
N GLY G 80 -0.86 20.08 19.17
CA GLY G 80 -2.20 20.22 18.63
C GLY G 80 -2.40 21.35 17.64
N GLY G 81 -1.46 22.29 17.59
CA GLY G 81 -1.52 23.38 16.62
C GLY G 81 -1.19 22.96 15.19
N LEU G 82 -0.33 21.94 15.05
CA LEU G 82 0.18 21.49 13.74
C LEU G 82 -0.45 20.19 13.18
N LEU G 83 -1.64 19.86 13.69
CA LEU G 83 -2.24 18.54 13.49
C LEU G 83 -2.56 18.18 12.04
N SER G 84 -2.79 19.17 11.16
CA SER G 84 -3.00 18.90 9.73
C SER G 84 -1.71 18.47 9.04
N LEU G 85 -0.65 19.26 9.25
CA LEU G 85 0.71 18.94 8.84
C LEU G 85 1.24 17.59 9.37
N SER G 86 0.87 17.20 10.58
CA SER G 86 1.27 15.90 11.09
C SER G 86 0.62 14.79 10.25
N GLU G 87 -0.68 14.93 10.01
CA GLU G 87 -1.44 14.03 9.18
C GLU G 87 -0.80 13.85 7.81
N LEU G 88 -0.26 14.93 7.21
CA LEU G 88 0.38 14.82 5.89
C LEU G 88 1.71 14.08 5.93
N HIS G 89 2.58 14.45 6.86
CA HIS G 89 3.93 13.84 6.91
C HIS G 89 3.99 12.44 7.54
N ALA G 90 3.31 12.27 8.69
CA ALA G 90 3.41 11.05 9.49
C ALA G 90 2.50 9.91 9.02
N PHE G 91 1.27 10.25 8.64
CA PHE G 91 0.27 9.24 8.27
C PHE G 91 0.20 9.03 6.75
N MET G 92 0.02 10.14 6.03
CA MET G 92 -0.26 10.13 4.61
C MET G 92 1.00 9.84 3.83
N LEU G 93 2.03 10.63 4.07
CA LEU G 93 3.33 10.44 3.40
C LEU G 93 4.25 9.44 4.10
N ARG G 94 4.02 9.16 5.38
N ARG G 94 4.01 9.20 5.39
CA ARG G 94 4.84 8.19 6.12
CA ARG G 94 4.79 8.24 6.16
C ARG G 94 6.32 8.54 6.07
C ARG G 94 6.29 8.55 6.06
N VAL G 95 6.64 9.80 6.34
CA VAL G 95 8.01 10.28 6.33
C VAL G 95 8.66 9.69 7.55
N ASP G 96 9.77 9.00 7.30
CA ASP G 96 10.51 8.31 8.33
C ASP G 96 10.98 9.39 9.33
N PRO G 97 10.72 9.18 10.62
CA PRO G 97 11.04 10.20 11.60
C PRO G 97 12.51 10.63 11.71
N VAL G 98 13.45 9.77 11.35
CA VAL G 98 14.88 10.12 11.38
C VAL G 98 15.19 11.37 10.55
N ASN G 99 14.43 11.58 9.47
CA ASN G 99 14.71 12.66 8.54
C ASN G 99 14.47 14.08 9.09
N PHE G 100 13.52 14.26 10.01
CA PHE G 100 13.33 15.57 10.61
C PHE G 100 14.58 16.06 11.28
N LYS G 101 15.21 15.21 12.11
CA LYS G 101 16.51 15.48 12.77
C LYS G 101 17.57 15.93 11.78
N LEU G 102 17.52 15.33 10.59
CA LEU G 102 18.41 15.70 9.49
C LEU G 102 18.11 17.06 8.91
N LEU G 103 16.84 17.45 8.93
CA LEU G 103 16.43 18.73 8.32
C LEU G 103 16.64 19.84 9.33
N ALA G 104 16.44 19.53 10.62
CA ALA G 104 16.64 20.50 11.68
C ALA G 104 18.11 20.85 11.86
N HIS G 105 19.00 19.91 11.54
CA HIS G 105 20.46 20.14 11.54
C HIS G 105 20.87 21.05 10.37
N CYS G 106 20.39 20.75 9.17
CA CYS G 106 20.57 21.65 8.00
C CYS G 106 20.03 23.06 8.22
N MET G 107 18.92 23.18 8.94
CA MET G 107 18.34 24.49 9.21
C MET G 107 19.11 25.26 10.30
N LEU G 108 19.64 24.57 11.32
CA LEU G 108 20.60 25.16 12.27
C LEU G 108 21.91 25.60 11.58
N VAL G 109 22.37 24.85 10.57
CA VAL G 109 23.61 25.17 9.79
C VAL G 109 23.47 26.46 9.01
N CYS G 110 22.43 26.52 8.17
CA CYS G 110 22.15 27.70 7.32
C CYS G 110 21.86 28.97 8.10
N MET G 111 21.23 28.83 9.27
CA MET G 111 21.03 29.92 10.23
C MET G 111 22.34 30.45 10.83
N SER G 112 23.37 29.59 10.94
CA SER G 112 24.69 30.02 11.42
C SER G 112 25.55 30.69 10.33
N MET G 113 25.52 30.15 9.10
CA MET G 113 26.07 30.87 7.93
C MET G 113 25.55 32.31 7.83
N ILE G 114 24.25 32.45 7.56
CA ILE G 114 23.63 33.76 7.32
C ILE G 114 23.43 34.61 8.60
N PHE G 115 24.08 34.25 9.72
CA PHE G 115 23.99 35.02 10.96
C PHE G 115 24.94 34.49 12.07
N PRO G 116 26.27 34.52 11.81
CA PRO G 116 27.26 33.88 12.68
C PRO G 116 27.39 34.51 14.08
N GLU G 117 27.05 35.80 14.22
CA GLU G 117 27.17 36.53 15.48
C GLU G 117 25.86 36.55 16.29
N GLU G 118 24.74 36.72 15.59
CA GLU G 118 23.42 36.64 16.22
C GLU G 118 23.07 35.22 16.74
N PHE G 119 23.72 34.18 16.21
CA PHE G 119 23.47 32.77 16.61
C PHE G 119 24.44 32.26 17.71
N THR G 120 24.13 32.63 18.95
CA THR G 120 24.90 32.20 20.13
C THR G 120 24.54 30.75 20.53
N PRO G 121 25.37 30.12 21.39
CA PRO G 121 24.97 28.82 21.96
C PRO G 121 23.73 28.91 22.86
N GLN G 122 23.43 30.11 23.33
CA GLN G 122 22.20 30.38 24.05
C GLN G 122 21.02 30.26 23.07
N VAL G 123 21.19 30.84 21.87
CA VAL G 123 20.23 30.71 20.76
C VAL G 123 20.16 29.29 20.18
N HIS G 124 21.32 28.65 20.00
CA HIS G 124 21.38 27.24 19.51
C HIS G 124 20.51 26.34 20.38
N VAL G 125 20.86 26.25 21.66
CA VAL G 125 20.15 25.40 22.62
C VAL G 125 18.63 25.52 22.54
N ALA G 126 18.12 26.75 22.34
CA ALA G 126 16.65 27.00 22.35
C ALA G 126 15.95 26.88 20.96
N VAL G 127 16.68 27.11 19.86
CA VAL G 127 16.15 26.80 18.53
C VAL G 127 16.17 25.28 18.26
N ASP G 128 17.22 24.62 18.74
CA ASP G 128 17.34 23.17 18.61
C ASP G 128 16.15 22.52 19.29
N LYS G 129 15.88 22.96 20.51
CA LYS G 129 14.71 22.53 21.26
C LYS G 129 13.39 22.79 20.51
N PHE G 130 13.27 24.01 19.96
CA PHE G 130 12.10 24.42 19.16
C PHE G 130 11.92 23.51 17.95
N LEU G 131 13.01 23.29 17.21
CA LEU G 131 12.99 22.38 16.06
C LEU G 131 12.74 20.88 16.35
N ALA G 132 13.08 20.42 17.55
CA ALA G 132 12.81 19.08 18.00
C ALA G 132 11.39 18.94 18.56
N GLN G 133 10.88 20.00 19.18
CA GLN G 133 9.45 20.05 19.55
C GLN G 133 8.54 20.09 18.32
N LEU G 134 9.05 20.71 17.25
CA LEU G 134 8.33 20.79 15.99
C LEU G 134 8.21 19.42 15.34
N ALA G 135 9.32 18.72 15.21
CA ALA G 135 9.26 17.38 14.67
C ALA G 135 8.34 16.47 15.52
N LEU G 136 8.38 16.62 16.85
CA LEU G 136 7.44 15.89 17.72
C LEU G 136 5.98 16.23 17.44
N ALA G 137 5.69 17.49 17.18
CA ALA G 137 4.35 17.87 16.76
C ALA G 137 3.94 17.19 15.43
N LEU G 138 4.89 17.03 14.52
CA LEU G 138 4.64 16.37 13.23
C LEU G 138 4.52 14.85 13.39
N ALA G 139 5.14 14.30 14.43
CA ALA G 139 5.11 12.86 14.69
C ALA G 139 3.82 12.33 15.32
N GLU G 140 2.88 13.24 15.65
CA GLU G 140 1.65 12.88 16.39
C GLU G 140 0.72 11.87 15.74
N LYS G 141 0.60 11.90 14.41
CA LYS G 141 -0.31 11.00 13.68
C LYS G 141 0.41 9.76 13.06
N TYR G 142 1.55 9.35 13.64
CA TYR G 142 2.29 8.16 13.16
C TYR G 142 1.59 6.86 13.46
N ARG G 143 1.24 6.67 14.74
CA ARG G 143 0.78 5.38 15.23
C ARG G 143 -0.13 5.51 16.42
N GLU H 2 35.12 4.17 -1.25
CA GLU H 2 35.55 4.68 -2.59
C GLU H 2 35.17 6.16 -2.74
N TRP H 3 36.03 7.04 -2.22
CA TRP H 3 35.84 8.49 -2.31
C TRP H 3 35.79 9.00 -3.76
N THR H 4 35.14 10.14 -3.95
CA THR H 4 35.21 10.89 -5.20
C THR H 4 36.46 11.79 -5.17
N ASP H 5 36.79 12.31 -6.35
CA ASP H 5 37.94 13.18 -6.53
C ASP H 5 37.70 14.56 -5.91
N SER H 6 36.57 15.17 -6.27
CA SER H 6 36.19 16.50 -5.77
C SER H 6 36.00 16.47 -4.26
N GLU H 7 35.44 15.38 -3.75
CA GLU H 7 35.24 15.16 -2.31
C GLU H 7 36.55 15.26 -1.52
N ARG H 8 37.58 14.55 -1.98
CA ARG H 8 38.93 14.64 -1.38
C ARG H 8 39.42 16.11 -1.35
N ALA H 9 39.29 16.80 -2.49
CA ALA H 9 39.62 18.24 -2.60
C ALA H 9 38.76 19.10 -1.69
N ILE H 10 37.46 18.83 -1.76
CA ILE H 10 36.43 19.44 -0.91
C ILE H 10 36.72 19.27 0.60
N ILE H 11 37.21 18.10 1.03
CA ILE H 11 37.51 17.85 2.45
C ILE H 11 38.75 18.64 2.86
N THR H 12 39.77 18.67 1.99
CA THR H 12 40.92 19.55 2.21
C THR H 12 40.43 21.00 2.28
N SER H 13 39.54 21.40 1.36
CA SER H 13 39.03 22.78 1.29
C SER H 13 38.48 23.25 2.63
N ILE H 14 37.59 22.45 3.21
CA ILE H 14 36.97 22.77 4.50
C ILE H 14 38.01 22.76 5.62
N PHE H 15 38.85 21.73 5.66
CA PHE H 15 39.94 21.67 6.64
C PHE H 15 40.95 22.82 6.48
N SER H 16 41.33 23.12 5.23
CA SER H 16 42.32 24.17 4.93
C SER H 16 41.92 25.55 5.45
N ASN H 17 40.62 25.80 5.58
CA ASN H 17 40.09 27.03 6.15
C ASN H 17 39.47 26.79 7.52
N LEU H 18 40.25 26.31 8.50
CA LEU H 18 39.75 26.15 9.88
C LEU H 18 40.83 26.19 10.97
N ASP H 19 40.67 27.13 11.90
CA ASP H 19 41.61 27.34 13.00
C ASP H 19 41.30 26.34 14.14
N TYR H 20 42.11 25.29 14.28
CA TYR H 20 41.86 24.23 15.27
C TYR H 20 42.05 24.66 16.74
N GLU H 21 42.96 25.62 16.99
CA GLU H 21 43.12 26.17 18.36
C GLU H 21 41.94 27.07 18.79
N GLU H 22 41.31 27.73 17.81
CA GLU H 22 40.10 28.56 18.03
C GLU H 22 38.81 27.70 18.00
N ILE H 23 38.61 26.99 16.89
CA ILE H 23 37.41 26.16 16.65
C ILE H 23 37.27 24.93 17.55
N GLY H 24 38.39 24.41 18.07
CA GLY H 24 38.37 23.31 19.03
C GLY H 24 37.53 23.64 20.26
N ARG H 25 37.92 24.70 20.97
CA ARG H 25 37.21 25.11 22.20
C ARG H 25 35.71 25.38 21.95
N LYS H 26 35.40 26.18 20.92
CA LYS H 26 34.02 26.54 20.60
C LYS H 26 33.11 25.30 20.31
N SER H 27 33.65 24.30 19.62
CA SER H 27 32.88 23.10 19.24
C SER H 27 32.50 22.19 20.44
N LEU H 28 33.46 21.89 21.31
CA LEU H 28 33.13 21.14 22.54
C LEU H 28 32.32 22.00 23.54
N CYS H 29 32.51 23.32 23.53
CA CYS H 29 31.70 24.25 24.36
C CYS H 29 30.22 24.16 23.95
N ARG H 30 29.96 24.23 22.65
CA ARG H 30 28.58 24.22 22.15
C ARG H 30 27.88 22.90 22.49
N CYS H 31 28.58 21.78 22.29
CA CYS H 31 28.08 20.46 22.65
C CYS H 31 27.84 20.35 24.15
N LEU H 32 28.71 20.97 24.96
CA LEU H 32 28.55 20.90 26.43
C LEU H 32 27.42 21.77 26.96
N ILE H 33 27.20 22.95 26.34
CA ILE H 33 26.07 23.83 26.68
C ILE H 33 24.76 23.35 26.01
N VAL H 34 24.76 23.12 24.69
CA VAL H 34 23.54 22.67 23.96
C VAL H 34 23.00 21.27 24.36
N TYR H 35 23.88 20.35 24.79
CA TYR H 35 23.49 18.97 25.16
C TYR H 35 23.95 18.57 26.57
N PRO H 36 23.46 19.28 27.62
CA PRO H 36 24.03 19.18 29.00
C PRO H 36 24.41 17.79 29.58
N TRP H 37 23.75 16.71 29.11
CA TRP H 37 24.09 15.31 29.52
C TRP H 37 25.50 14.82 29.13
N THR H 38 26.12 15.46 28.12
CA THR H 38 27.51 15.19 27.71
C THR H 38 28.58 15.46 28.80
N GLN H 39 28.29 16.41 29.70
CA GLN H 39 29.21 16.85 30.78
C GLN H 39 29.62 15.73 31.74
N ARG H 40 28.72 14.75 31.94
CA ARG H 40 29.00 13.60 32.80
C ARG H 40 30.10 12.71 32.25
N TYR H 41 30.30 12.72 30.93
CA TYR H 41 31.43 11.99 30.32
C TYR H 41 32.77 12.61 30.67
N PHE H 42 32.80 13.93 30.84
CA PHE H 42 34.01 14.68 31.18
C PHE H 42 34.02 15.06 32.69
N GLY H 43 33.72 14.09 33.57
CA GLY H 43 33.61 14.32 35.01
C GLY H 43 34.88 14.58 35.84
N ALA H 44 36.05 14.34 35.26
CA ALA H 44 37.33 14.80 35.84
C ALA H 44 37.69 16.20 35.35
N PHE H 45 36.86 16.81 34.50
CA PHE H 45 37.12 18.14 33.96
C PHE H 45 36.67 19.28 34.91
N GLY H 46 36.27 18.95 36.14
CA GLY H 46 36.00 19.96 37.17
C GLY H 46 34.58 20.51 37.17
N ASN H 47 34.46 21.84 37.04
CA ASN H 47 33.19 22.58 37.17
C ASN H 47 32.58 23.00 35.83
N LEU H 48 31.46 22.33 35.49
CA LEU H 48 30.62 22.68 34.36
C LEU H 48 29.18 23.02 34.83
N TYR H 49 29.06 23.73 35.96
CA TYR H 49 27.76 24.10 36.60
C TYR H 49 26.90 25.11 35.80
N ASN H 50 27.52 25.90 34.92
CA ASN H 50 26.78 26.74 33.97
C ASN H 50 27.69 27.13 32.78
N ALA H 51 27.10 27.84 31.81
CA ALA H 51 27.78 28.25 30.56
C ALA H 51 29.11 28.96 30.80
N GLU H 52 29.13 29.84 31.80
CA GLU H 52 30.32 30.60 32.19
C GLU H 52 31.45 29.68 32.67
N THR H 53 31.13 28.69 33.50
CA THR H 53 32.13 27.71 33.97
C THR H 53 32.70 26.86 32.81
N ILE H 54 31.85 26.51 31.84
CA ILE H 54 32.24 25.74 30.64
C ILE H 54 33.05 26.63 29.69
N LEU H 55 32.57 27.85 29.45
CA LEU H 55 33.31 28.82 28.65
C LEU H 55 34.66 29.16 29.31
N ALA H 56 34.71 29.13 30.65
CA ALA H 56 35.92 29.41 31.44
C ALA H 56 36.67 28.19 32.00
N ASN H 57 36.29 26.97 31.62
CA ASN H 57 37.03 25.75 32.04
C ASN H 57 38.23 25.59 31.07
N PRO H 58 39.48 25.66 31.60
CA PRO H 58 40.65 25.63 30.71
C PRO H 58 40.88 24.29 30.01
N LEU H 59 40.53 23.18 30.68
CA LEU H 59 40.74 21.85 30.10
C LEU H 59 39.63 21.39 29.12
N ILE H 60 38.45 22.03 29.16
CA ILE H 60 37.44 21.85 28.09
C ILE H 60 37.94 22.51 26.79
N ALA H 61 38.77 23.56 26.92
CA ALA H 61 39.49 24.14 25.78
C ALA H 61 40.59 23.22 25.26
N ALA H 62 41.40 22.71 26.19
CA ALA H 62 42.55 21.81 25.90
C ALA H 62 42.11 20.50 25.24
N HIS H 63 41.10 19.88 25.83
CA HIS H 63 40.56 18.64 25.30
C HIS H 63 39.85 18.86 23.96
N GLY H 64 39.27 20.05 23.79
CA GLY H 64 38.57 20.42 22.55
C GLY H 64 39.46 20.45 21.33
N THR H 65 40.66 21.00 21.50
CA THR H 65 41.68 20.98 20.45
C THR H 65 42.21 19.53 20.30
N LYS H 66 42.42 18.85 21.43
CA LYS H 66 42.79 17.42 21.45
C LYS H 66 41.81 16.59 20.62
N ILE H 67 40.53 16.73 20.96
CA ILE H 67 39.43 16.02 20.31
C ILE H 67 39.32 16.39 18.83
N LEU H 68 39.43 17.68 18.50
CA LEU H 68 39.38 18.16 17.11
C LEU H 68 40.59 17.65 16.28
N HIS H 69 41.78 17.56 16.89
CA HIS H 69 42.98 17.01 16.20
C HIS H 69 42.75 15.54 15.80
N GLY H 70 42.06 14.79 16.66
CA GLY H 70 41.52 13.46 16.34
C GLY H 70 40.80 13.38 14.99
N LEU H 71 39.69 14.09 14.84
CA LEU H 71 38.93 14.09 13.56
C LEU H 71 39.71 14.66 12.35
N ASP H 72 40.72 15.50 12.61
CA ASP H 72 41.67 15.96 11.57
C ASP H 72 42.57 14.82 11.03
N ARG H 73 42.99 13.90 11.91
CA ARG H 73 43.98 12.85 11.56
C ARG H 73 43.61 12.02 10.31
N ALA H 74 42.31 11.87 10.04
CA ALA H 74 41.83 11.21 8.83
C ALA H 74 42.22 11.93 7.53
N LEU H 75 42.28 13.26 7.57
CA LEU H 75 42.64 14.08 6.40
C LEU H 75 43.81 13.47 5.63
N LYS H 76 44.87 13.13 6.38
CA LYS H 76 46.07 12.51 5.84
C LYS H 76 45.85 11.02 5.52
N ASN H 77 45.20 10.29 6.44
CA ASN H 77 44.97 8.84 6.29
C ASN H 77 43.57 8.46 5.74
N MET H 78 43.19 9.01 4.58
CA MET H 78 41.96 8.59 3.84
C MET H 78 42.11 7.13 3.39
N ASP H 79 40.99 6.46 3.14
CA ASP H 79 40.99 5.04 2.71
C ASP H 79 41.67 4.07 3.69
N ASP H 80 41.74 4.44 4.96
CA ASP H 80 42.10 3.51 6.03
C ASP H 80 41.55 4.04 7.35
N ILE H 81 40.31 4.51 7.34
CA ILE H 81 39.75 5.24 8.47
C ILE H 81 39.57 4.33 9.68
N LYS H 82 39.15 3.08 9.46
CA LYS H 82 39.02 2.09 10.57
C LYS H 82 40.37 1.68 11.18
N ASN H 83 41.35 1.39 10.31
CA ASN H 83 42.75 1.16 10.71
C ASN H 83 43.34 2.33 11.52
N THR H 84 43.00 3.57 11.15
CA THR H 84 43.52 4.77 11.81
C THR H 84 42.95 5.05 13.21
N TYR H 85 41.65 4.78 13.42
CA TYR H 85 40.92 5.16 14.65
C TYR H 85 40.53 4.00 15.58
N ALA H 86 41.04 2.79 15.33
CA ALA H 86 40.64 1.62 16.13
C ALA H 86 41.02 1.70 17.62
N GLU H 87 42.05 2.47 17.97
CA GLU H 87 42.44 2.73 19.38
C GLU H 87 41.40 3.56 20.10
N LEU H 88 40.97 4.64 19.43
CA LEU H 88 39.89 5.49 19.94
C LEU H 88 38.53 4.78 19.97
N SER H 89 38.33 3.80 19.09
CA SER H 89 37.18 2.89 19.18
C SER H 89 37.11 2.16 20.54
N LEU H 90 38.23 1.55 20.99
CA LEU H 90 38.26 0.83 22.29
C LEU H 90 38.03 1.75 23.46
N LEU H 91 38.74 2.87 23.46
CA LEU H 91 38.57 3.96 24.43
C LEU H 91 37.10 4.36 24.69
N HIS H 92 36.44 4.85 23.65
CA HIS H 92 35.08 5.38 23.77
C HIS H 92 34.01 4.29 23.95
N SER H 93 34.24 3.12 23.36
CA SER H 93 33.27 2.03 23.44
C SER H 93 33.49 1.15 24.68
N ASP H 94 34.70 0.63 24.86
CA ASP H 94 35.00 -0.26 26.00
C ASP H 94 35.21 0.51 27.32
N LYS H 95 36.25 1.35 27.42
CA LYS H 95 36.59 2.00 28.70
C LYS H 95 35.54 3.01 29.17
N LEU H 96 35.31 4.02 28.34
CA LEU H 96 34.44 5.15 28.67
C LEU H 96 32.92 4.88 28.47
N HIS H 97 32.58 3.91 27.62
CA HIS H 97 31.19 3.57 27.25
C HIS H 97 30.39 4.80 26.76
N VAL H 98 31.01 5.61 25.92
CA VAL H 98 30.36 6.76 25.28
C VAL H 98 29.43 6.28 24.17
N ASP H 99 28.11 6.38 24.41
CA ASP H 99 27.09 6.08 23.40
C ASP H 99 27.45 6.77 22.09
N PRO H 100 27.42 6.03 20.97
CA PRO H 100 27.95 6.59 19.72
C PRO H 100 27.12 7.74 19.13
N ASP H 101 25.88 7.90 19.57
CA ASP H 101 25.08 9.04 19.13
C ASP H 101 25.62 10.40 19.63
N ASN H 102 26.32 10.39 20.76
CA ASN H 102 27.09 11.56 21.23
C ASN H 102 28.19 11.97 20.24
N PHE H 103 28.83 11.02 19.53
CA PHE H 103 29.81 11.35 18.45
C PHE H 103 29.15 12.21 17.35
N ARG H 104 27.91 11.88 16.97
CA ARG H 104 27.17 12.69 15.98
C ARG H 104 26.90 14.11 16.48
N LEU H 105 26.59 14.23 17.75
CA LEU H 105 26.28 15.50 18.38
C LEU H 105 27.45 16.51 18.26
N LEU H 106 28.60 16.19 18.87
CA LEU H 106 29.83 16.99 18.73
C LEU H 106 30.18 17.31 17.28
N ALA H 107 30.08 16.30 16.41
CA ALA H 107 30.40 16.44 15.00
C ALA H 107 29.40 17.37 14.32
N ASP H 108 28.14 17.38 14.76
CA ASP H 108 27.16 18.34 14.21
C ASP H 108 27.58 19.73 14.68
N CYS H 109 27.68 19.90 16.00
CA CYS H 109 28.17 21.11 16.64
C CYS H 109 29.42 21.70 15.94
N LEU H 110 30.32 20.84 15.47
CA LEU H 110 31.46 21.30 14.68
C LEU H 110 31.01 21.90 13.35
N THR H 111 30.22 21.15 12.60
CA THR H 111 29.66 21.63 11.33
C THR H 111 28.92 22.97 11.46
N VAL H 112 28.24 23.17 12.58
CA VAL H 112 27.54 24.43 12.89
C VAL H 112 28.53 25.60 13.07
N VAL H 113 29.62 25.36 13.82
CA VAL H 113 30.66 26.37 14.08
C VAL H 113 31.50 26.62 12.81
N ILE H 114 31.85 25.53 12.11
CA ILE H 114 32.53 25.55 10.80
C ILE H 114 31.66 25.87 9.57
N ALA H 115 30.36 26.11 9.79
CA ALA H 115 29.52 26.75 8.77
C ALA H 115 29.59 28.26 8.88
N ALA H 116 29.61 28.76 10.13
CA ALA H 116 29.40 30.18 10.47
C ALA H 116 30.58 31.10 10.12
N LYS H 117 31.76 30.71 10.59
CA LYS H 117 32.99 31.42 10.27
C LYS H 117 33.39 31.34 8.80
N MET H 118 32.89 30.31 8.10
CA MET H 118 33.20 30.05 6.69
C MET H 118 32.15 30.59 5.70
N GLY H 119 30.99 31.02 6.23
CA GLY H 119 29.90 31.58 5.41
C GLY H 119 29.41 30.64 4.30
N SER H 120 28.97 31.23 3.18
CA SER H 120 28.52 30.48 2.00
C SER H 120 29.67 29.97 1.09
N ALA H 121 30.94 30.20 1.49
CA ALA H 121 32.08 29.49 0.86
C ALA H 121 31.89 28.00 1.10
N PHE H 122 31.23 27.66 2.20
CA PHE H 122 30.79 26.30 2.50
C PHE H 122 29.56 25.89 1.66
N THR H 123 29.82 25.27 0.52
CA THR H 123 28.81 24.96 -0.52
C THR H 123 27.94 23.73 -0.24
N VAL H 124 26.78 23.70 -0.92
CA VAL H 124 26.08 22.45 -1.33
C VAL H 124 26.95 21.19 -1.24
N ASP H 125 27.83 21.02 -2.22
CA ASP H 125 28.61 19.80 -2.39
C ASP H 125 29.71 19.72 -1.33
N THR H 126 30.16 20.88 -0.87
CA THR H 126 31.11 20.99 0.23
C THR H 126 30.61 20.24 1.47
N GLN H 127 29.31 20.34 1.73
CA GLN H 127 28.69 19.68 2.88
C GLN H 127 28.49 18.18 2.70
N VAL H 128 28.22 17.70 1.48
CA VAL H 128 28.04 16.25 1.31
C VAL H 128 29.29 15.55 1.79
N ALA H 129 30.43 16.03 1.30
CA ALA H 129 31.69 15.35 1.51
C ALA H 129 32.14 15.53 2.96
N TRP H 130 31.90 16.74 3.48
CA TRP H 130 32.22 17.06 4.86
C TRP H 130 31.54 16.07 5.80
N GLN H 131 30.23 15.89 5.61
CA GLN H 131 29.44 14.92 6.39
C GLN H 131 29.82 13.46 6.08
N LYS H 132 30.13 13.12 4.82
CA LYS H 132 30.64 11.79 4.48
C LYS H 132 31.98 11.48 5.18
N PHE H 133 32.78 12.52 5.46
CA PHE H 133 34.02 12.39 6.25
C PHE H 133 33.74 12.20 7.73
N LEU H 134 32.77 12.93 8.27
CA LEU H 134 32.39 12.76 9.68
C LEU H 134 31.63 11.45 9.98
N SER H 135 30.72 11.06 9.09
CA SER H 135 29.96 9.79 9.19
C SER H 135 30.96 8.63 9.29
N VAL H 136 31.90 8.56 8.35
CA VAL H 136 32.91 7.49 8.34
C VAL H 136 33.89 7.48 9.55
N VAL H 137 34.25 8.66 10.05
CA VAL H 137 35.08 8.75 11.25
C VAL H 137 34.33 8.27 12.47
N VAL H 138 33.09 8.74 12.57
CA VAL H 138 32.16 8.36 13.64
C VAL H 138 31.84 6.86 13.56
N SER H 139 31.71 6.31 12.34
CA SER H 139 31.58 4.86 12.13
C SER H 139 32.79 4.12 12.68
N ALA H 140 33.99 4.58 12.36
CA ALA H 140 35.21 3.94 12.86
C ALA H 140 35.39 4.10 14.39
N LEU H 141 34.84 5.18 14.95
CA LEU H 141 34.85 5.42 16.41
C LEU H 141 33.91 4.51 17.19
N GLY H 142 32.86 4.03 16.51
CA GLY H 142 31.90 3.09 17.10
C GLY H 142 32.48 1.70 17.19
N ARG H 143 31.91 0.90 18.10
CA ARG H 143 32.36 -0.48 18.34
C ARG H 143 32.37 -1.27 17.02
N GLN H 144 33.53 -1.81 16.66
CA GLN H 144 33.75 -2.45 15.35
C GLN H 144 33.30 -3.90 15.32
N TYR H 145 32.95 -4.36 14.10
CA TYR H 145 32.39 -5.71 13.88
C TYR H 145 32.99 -6.35 12.59
#